data_1YTV
#
_entry.id   1YTV
#
_cell.length_a   51.102
_cell.length_b   66.557
_cell.length_c   115.723
_cell.angle_alpha   90.00
_cell.angle_beta   95.99
_cell.angle_gamma   90.00
#
_symmetry.space_group_name_H-M   'P 1 21 1'
#
loop_
_entity.id
_entity.type
_entity.pdbx_description
1 polymer 'Maltose-binding periplasmic protein'
2 polymer 'Vasopressin V1a receptor'
3 branched alpha-D-glucopyranose-(1-4)-alpha-D-glucopyranose
4 water water
#
loop_
_entity_poly.entity_id
_entity_poly.type
_entity_poly.pdbx_seq_one_letter_code
_entity_poly.pdbx_strand_id
1 'polypeptide(L)'
;KIEEGKLVIWINGDKGYNGLAEVGKKFEKDTGIKVTVEHPDKLEEKFPQVAATGDGPDIIFWAHDRFGGYAQSGLLAEIT
PDKAFQDKLYPFTWDAVRYNGKLIAYPIAVEALSLIYNKDLLPNPPKTWEEIPALDKELKAKGKSALMFNLQEPYFTWPL
IAADGGYAFKYENGKYDIKDVGVDNAGAKAGLTFLVDLIKNKHMNADTDYSIAEAAFNKGETAMTINGPWAWSNIDTSKV
NYGVTVLPTFKGQPSKPFVGVLSAGINAASPNKELAKEFLENYLLTDEGLEAVNKDKPLGAVALKSYEEELAKDPRIAAT
MENAQKGEIMPNIPQMSAFWYAVRTAVINAASGRQTVDEALKDAQT
;
A,B
2 'polypeptide(L)'
;NSSSNNNNNNNNNNLGIEENLYFQGQGSFPCCQNMKEKFNKEDTDSMSRRQTFYSNNRSPTNSTGMWKDSPKSSKSIKFI
PVST
;
M,N
#
loop_
_chem_comp.id
_chem_comp.type
_chem_comp.name
_chem_comp.formula
GLC D-saccharide, alpha linking alpha-D-glucopyranose 'C6 H12 O6'
#
# COMPACT_ATOMS: atom_id res chain seq x y z
N LYS A 1 1.66 18.91 -26.56
CA LYS A 1 2.49 18.19 -25.56
C LYS A 1 1.60 17.42 -24.58
N ILE A 2 2.24 16.73 -23.63
CA ILE A 2 1.51 15.95 -22.63
C ILE A 2 0.78 16.91 -21.71
N GLU A 3 -0.55 16.75 -21.63
CA GLU A 3 -1.37 17.62 -20.80
C GLU A 3 -1.23 17.33 -19.31
N GLU A 4 -1.02 18.39 -18.53
CA GLU A 4 -0.88 18.27 -17.10
C GLU A 4 -2.24 18.12 -16.44
N GLY A 5 -2.35 17.25 -15.44
CA GLY A 5 -3.61 17.08 -14.75
C GLY A 5 -4.43 15.86 -15.15
N LYS A 6 -3.86 15.03 -16.02
CA LYS A 6 -4.51 13.81 -16.48
C LYS A 6 -3.41 12.79 -16.70
N LEU A 7 -3.80 11.53 -16.78
CA LEU A 7 -2.84 10.46 -17.04
C LEU A 7 -3.25 9.67 -18.27
N VAL A 8 -2.31 9.50 -19.18
CA VAL A 8 -2.53 8.72 -20.39
C VAL A 8 -1.62 7.50 -20.25
N ILE A 9 -2.23 6.32 -20.36
CA ILE A 9 -1.51 5.06 -20.21
C ILE A 9 -1.57 4.23 -21.49
N TRP A 10 -0.43 3.60 -21.82
CA TRP A 10 -0.33 2.74 -22.98
C TRP A 10 -0.06 1.32 -22.53
N ILE A 11 -0.80 0.35 -23.04
CA ILE A 11 -0.59 -1.05 -22.70
C ILE A 11 -1.00 -1.90 -23.90
N ASN A 12 -0.38 -3.06 -24.08
CA ASN A 12 -0.68 -3.92 -25.24
C ASN A 12 -2.15 -4.38 -25.28
N GLY A 13 -2.71 -4.42 -26.48
CA GLY A 13 -4.09 -4.82 -26.67
C GLY A 13 -4.42 -6.24 -26.26
N ASP A 14 -3.39 -7.04 -26.01
CA ASP A 14 -3.60 -8.43 -25.59
C ASP A 14 -3.78 -8.53 -24.08
N LYS A 15 -3.39 -7.46 -23.38
CA LYS A 15 -3.50 -7.43 -21.91
C LYS A 15 -4.86 -6.94 -21.45
N GLY A 16 -5.07 -6.93 -20.14
CA GLY A 16 -6.34 -6.50 -19.58
C GLY A 16 -6.49 -5.00 -19.49
N TYR A 17 -6.51 -4.32 -20.62
CA TYR A 17 -6.63 -2.87 -20.62
C TYR A 17 -7.97 -2.36 -20.09
N ASN A 18 -9.03 -3.16 -20.25
CA ASN A 18 -10.34 -2.76 -19.75
C ASN A 18 -10.32 -2.83 -18.22
N GLY A 19 -9.61 -3.82 -17.69
CA GLY A 19 -9.49 -3.95 -16.24
C GLY A 19 -8.65 -2.80 -15.71
N LEU A 20 -7.59 -2.45 -16.44
CA LEU A 20 -6.73 -1.35 -16.02
C LEU A 20 -7.55 -0.06 -16.04
N ALA A 21 -8.46 0.06 -17.01
CA ALA A 21 -9.30 1.26 -17.10
C ALA A 21 -10.19 1.38 -15.86
N GLU A 22 -10.60 0.25 -15.29
CA GLU A 22 -11.45 0.28 -14.09
C GLU A 22 -10.64 0.84 -12.90
N VAL A 23 -9.35 0.53 -12.88
CA VAL A 23 -8.48 1.03 -11.82
C VAL A 23 -8.35 2.53 -12.05
N GLY A 24 -8.24 2.90 -13.32
CA GLY A 24 -8.14 4.31 -13.67
C GLY A 24 -9.38 5.06 -13.23
N LYS A 25 -10.54 4.44 -13.36
CA LYS A 25 -11.80 5.07 -12.96
C LYS A 25 -11.88 5.26 -11.46
N LYS A 26 -11.30 4.32 -10.71
CA LYS A 26 -11.31 4.45 -9.26
C LYS A 26 -10.38 5.60 -8.86
N PHE A 27 -9.26 5.72 -9.57
CA PHE A 27 -8.31 6.79 -9.30
C PHE A 27 -9.01 8.14 -9.52
N GLU A 28 -9.71 8.26 -10.63
CA GLU A 28 -10.41 9.50 -10.95
C GLU A 28 -11.49 9.85 -9.93
N LYS A 29 -12.21 8.85 -9.45
CA LYS A 29 -13.26 9.07 -8.48
C LYS A 29 -12.69 9.59 -7.16
N ASP A 30 -11.54 9.05 -6.77
CA ASP A 30 -10.90 9.44 -5.52
C ASP A 30 -10.09 10.75 -5.56
N THR A 31 -9.47 11.04 -6.70
CA THR A 31 -8.62 12.21 -6.85
C THR A 31 -9.13 13.28 -7.80
N GLY A 32 -10.09 12.89 -8.64
CA GLY A 32 -10.61 13.82 -9.62
C GLY A 32 -9.70 13.95 -10.82
N ILE A 33 -8.67 13.10 -10.88
CA ILE A 33 -7.72 13.12 -12.00
C ILE A 33 -8.11 12.07 -13.03
N LYS A 34 -8.42 12.51 -14.24
CA LYS A 34 -8.83 11.61 -15.32
C LYS A 34 -7.69 10.67 -15.74
N VAL A 35 -8.03 9.42 -16.03
CA VAL A 35 -7.06 8.42 -16.48
C VAL A 35 -7.57 7.80 -17.78
N THR A 36 -6.77 7.92 -18.84
CA THR A 36 -7.14 7.37 -20.14
C THR A 36 -6.21 6.24 -20.54
N VAL A 37 -6.77 5.04 -20.72
CA VAL A 37 -5.98 3.89 -21.11
C VAL A 37 -6.15 3.64 -22.61
N GLU A 38 -5.04 3.45 -23.30
CA GLU A 38 -5.08 3.19 -24.73
C GLU A 38 -4.20 1.98 -25.04
N HIS A 39 -4.46 1.32 -26.16
CA HIS A 39 -3.68 0.16 -26.53
C HIS A 39 -3.26 0.23 -28.00
N PRO A 40 -2.31 1.13 -28.30
CA PRO A 40 -1.80 1.31 -29.66
C PRO A 40 -1.05 0.09 -30.19
N ASP A 41 -0.97 -0.02 -31.51
CA ASP A 41 -0.26 -1.12 -32.13
C ASP A 41 1.22 -0.78 -32.09
N LYS A 42 2.06 -1.80 -31.91
CA LYS A 42 3.50 -1.61 -31.87
C LYS A 42 3.86 -0.45 -30.93
N LEU A 43 3.22 -0.41 -29.77
CA LEU A 43 3.47 0.67 -28.83
C LEU A 43 4.90 0.72 -28.31
N GLU A 44 5.57 -0.44 -28.23
CA GLU A 44 6.94 -0.46 -27.73
C GLU A 44 7.90 0.17 -28.74
N GLU A 45 7.44 0.26 -29.97
CA GLU A 45 8.24 0.85 -31.04
C GLU A 45 7.82 2.30 -31.25
N LYS A 46 6.56 2.61 -30.94
CA LYS A 46 6.03 3.96 -31.09
C LYS A 46 6.48 4.88 -29.96
N PHE A 47 6.57 4.33 -28.75
CA PHE A 47 6.97 5.11 -27.59
C PHE A 47 8.26 5.91 -27.76
N PRO A 48 9.35 5.26 -28.19
CA PRO A 48 10.63 5.95 -28.38
C PRO A 48 10.54 7.17 -29.28
N GLN A 49 9.72 7.07 -30.31
CA GLN A 49 9.56 8.17 -31.26
C GLN A 49 8.82 9.36 -30.65
N VAL A 50 7.63 9.09 -30.13
CA VAL A 50 6.81 10.14 -29.53
C VAL A 50 7.44 10.70 -28.26
N ALA A 51 8.08 9.86 -27.47
CA ALA A 51 8.72 10.29 -26.24
C ALA A 51 9.99 11.10 -26.56
N ALA A 52 10.50 10.95 -27.77
CA ALA A 52 11.70 11.66 -28.17
C ALA A 52 11.42 13.15 -28.27
N THR A 53 10.31 13.51 -28.91
CA THR A 53 9.94 14.91 -29.06
C THR A 53 9.53 15.49 -27.71
N GLY A 54 9.21 14.61 -26.77
CA GLY A 54 8.81 15.05 -25.45
C GLY A 54 7.31 14.79 -25.27
N ASP A 55 6.75 14.00 -26.17
CA ASP A 55 5.33 13.67 -26.12
C ASP A 55 5.12 12.21 -25.73
N GLY A 56 3.95 11.69 -26.02
CA GLY A 56 3.64 10.31 -25.70
C GLY A 56 2.80 10.16 -24.44
N PRO A 57 2.63 8.93 -23.95
CA PRO A 57 1.84 8.67 -22.74
C PRO A 57 2.62 8.99 -21.47
N ASP A 58 1.90 9.12 -20.37
CA ASP A 58 2.53 9.40 -19.08
C ASP A 58 3.14 8.12 -18.56
N ILE A 59 2.48 7.00 -18.86
CA ILE A 59 2.92 5.68 -18.41
C ILE A 59 2.89 4.68 -19.55
N ILE A 60 3.91 3.86 -19.65
CA ILE A 60 3.96 2.83 -20.69
C ILE A 60 4.16 1.46 -20.06
N PHE A 61 3.36 0.49 -20.46
CA PHE A 61 3.45 -0.89 -19.96
C PHE A 61 4.03 -1.81 -21.03
N TRP A 62 5.07 -2.57 -20.66
CA TRP A 62 5.68 -3.54 -21.57
C TRP A 62 6.66 -4.40 -20.80
N ALA A 63 7.06 -5.53 -21.37
CA ALA A 63 8.03 -6.39 -20.70
C ALA A 63 9.29 -5.54 -20.50
N HIS A 64 10.03 -5.81 -19.43
CA HIS A 64 11.23 -5.04 -19.07
C HIS A 64 12.38 -5.00 -20.07
N ASP A 65 12.44 -5.96 -20.99
CA ASP A 65 13.56 -6.00 -21.93
C ASP A 65 13.74 -4.74 -22.77
N ARG A 66 12.64 -4.04 -23.05
CA ARG A 66 12.69 -2.81 -23.84
C ARG A 66 13.05 -1.55 -23.05
N PHE A 67 12.94 -1.61 -21.73
CA PHE A 67 13.20 -0.44 -20.88
C PHE A 67 14.64 0.09 -20.81
N GLY A 68 15.62 -0.80 -20.93
CA GLY A 68 17.00 -0.37 -20.89
C GLY A 68 17.29 0.59 -22.02
N GLY A 69 16.79 0.25 -23.20
CA GLY A 69 16.97 1.11 -24.36
C GLY A 69 16.32 2.46 -24.10
N TYR A 70 15.13 2.44 -23.51
CA TYR A 70 14.42 3.68 -23.21
C TYR A 70 15.22 4.55 -22.24
N ALA A 71 15.76 3.91 -21.20
CA ALA A 71 16.52 4.62 -20.18
C ALA A 71 17.80 5.24 -20.75
N GLN A 72 18.49 4.48 -21.60
CA GLN A 72 19.72 4.96 -22.22
C GLN A 72 19.44 6.22 -23.03
N SER A 73 18.25 6.29 -23.62
CA SER A 73 17.87 7.46 -24.39
C SER A 73 17.30 8.55 -23.48
N GLY A 74 17.25 8.27 -22.19
CA GLY A 74 16.72 9.24 -21.23
C GLY A 74 15.23 9.51 -21.35
N LEU A 75 14.48 8.51 -21.81
CA LEU A 75 13.05 8.65 -21.98
C LEU A 75 12.22 8.26 -20.77
N LEU A 76 12.88 7.71 -19.75
CA LEU A 76 12.18 7.26 -18.55
C LEU A 76 12.58 8.00 -17.28
N ALA A 77 11.59 8.29 -16.43
CA ALA A 77 11.86 8.97 -15.17
C ALA A 77 12.38 7.93 -14.18
N GLU A 78 13.32 8.33 -13.34
CA GLU A 78 13.83 7.40 -12.34
C GLU A 78 12.80 7.34 -11.21
N ILE A 79 12.49 6.13 -10.74
CA ILE A 79 11.53 5.99 -9.64
C ILE A 79 12.33 5.64 -8.39
N THR A 80 11.90 6.18 -7.24
CA THR A 80 12.61 5.93 -6.00
C THR A 80 11.67 5.63 -4.85
N PRO A 81 10.95 4.51 -4.91
CA PRO A 81 10.03 4.16 -3.83
C PRO A 81 10.83 3.87 -2.57
N ASP A 82 10.23 4.08 -1.40
CA ASP A 82 10.97 3.82 -0.16
C ASP A 82 11.22 2.32 -0.08
N LYS A 83 12.18 1.93 0.76
CA LYS A 83 12.52 0.51 0.89
C LYS A 83 11.33 -0.33 1.35
N ALA A 84 10.46 0.26 2.15
CA ALA A 84 9.29 -0.46 2.63
C ALA A 84 8.41 -0.87 1.45
N PHE A 85 8.14 0.06 0.54
CA PHE A 85 7.30 -0.27 -0.61
C PHE A 85 7.99 -1.36 -1.43
N GLN A 86 9.29 -1.22 -1.61
CA GLN A 86 10.03 -2.21 -2.39
C GLN A 86 9.88 -3.61 -1.83
N ASP A 87 9.72 -3.71 -0.51
CA ASP A 87 9.58 -5.01 0.13
C ASP A 87 8.26 -5.72 -0.20
N LYS A 88 7.31 -5.02 -0.81
CA LYS A 88 6.04 -5.63 -1.16
C LYS A 88 6.11 -6.43 -2.45
N LEU A 89 7.20 -6.28 -3.20
CA LEU A 89 7.38 -7.00 -4.45
C LEU A 89 8.62 -7.91 -4.36
N TYR A 90 8.65 -8.97 -5.15
CA TYR A 90 9.78 -9.89 -5.12
C TYR A 90 11.05 -9.19 -5.58
N PRO A 91 12.15 -9.38 -4.84
CA PRO A 91 13.45 -8.77 -5.14
C PRO A 91 13.91 -8.91 -6.59
N PHE A 92 13.74 -10.09 -7.19
CA PHE A 92 14.19 -10.25 -8.56
C PHE A 92 13.41 -9.41 -9.56
N THR A 93 12.17 -9.04 -9.25
CA THR A 93 11.40 -8.24 -10.18
C THR A 93 11.97 -6.82 -10.23
N TRP A 94 12.50 -6.35 -9.10
CA TRP A 94 13.12 -5.02 -9.07
C TRP A 94 14.42 -5.07 -9.86
N ASP A 95 15.15 -6.18 -9.76
CA ASP A 95 16.41 -6.26 -10.50
C ASP A 95 16.14 -6.13 -12.00
N ALA A 96 15.01 -6.69 -12.44
CA ALA A 96 14.64 -6.63 -13.85
C ALA A 96 14.44 -5.21 -14.36
N VAL A 97 14.09 -4.29 -13.46
CA VAL A 97 13.87 -2.90 -13.86
C VAL A 97 14.94 -1.95 -13.34
N ARG A 98 16.10 -2.50 -13.01
CA ARG A 98 17.22 -1.71 -12.53
C ARG A 98 18.19 -1.56 -13.70
N TYR A 99 18.51 -0.33 -14.06
CA TYR A 99 19.43 -0.05 -15.16
C TYR A 99 20.47 0.95 -14.70
N ASN A 100 21.74 0.55 -14.79
CA ASN A 100 22.84 1.41 -14.37
C ASN A 100 22.68 1.84 -12.91
N GLY A 101 22.17 0.91 -12.09
CA GLY A 101 22.00 1.18 -10.67
C GLY A 101 20.76 1.96 -10.26
N LYS A 102 19.93 2.32 -11.23
CA LYS A 102 18.71 3.08 -10.94
C LYS A 102 17.45 2.32 -11.35
N LEU A 103 16.39 2.45 -10.56
CA LEU A 103 15.13 1.80 -10.90
C LEU A 103 14.48 2.66 -11.98
N ILE A 104 14.01 2.03 -13.06
CA ILE A 104 13.41 2.76 -14.17
C ILE A 104 11.96 2.40 -14.47
N ALA A 105 11.34 1.61 -13.60
CA ALA A 105 9.93 1.21 -13.77
C ALA A 105 9.45 0.40 -12.58
N TYR A 106 8.14 0.21 -12.51
CA TYR A 106 7.52 -0.58 -11.47
C TYR A 106 7.19 -1.95 -12.04
N PRO A 107 7.69 -3.02 -11.42
CA PRO A 107 7.38 -4.35 -11.95
C PRO A 107 5.93 -4.68 -11.63
N ILE A 108 5.26 -5.36 -12.55
CA ILE A 108 3.85 -5.71 -12.36
C ILE A 108 3.61 -7.23 -12.35
N ALA A 109 4.11 -7.93 -13.37
CA ALA A 109 3.90 -9.38 -13.45
C ALA A 109 5.04 -10.08 -14.15
N VAL A 110 5.22 -11.37 -13.85
CA VAL A 110 6.26 -12.18 -14.46
C VAL A 110 5.58 -13.08 -15.48
N GLU A 111 5.94 -12.90 -16.74
CA GLU A 111 5.33 -13.67 -17.82
C GLU A 111 6.26 -14.73 -18.38
N ALA A 112 5.73 -15.93 -18.59
CA ALA A 112 6.50 -17.01 -19.17
C ALA A 112 5.52 -17.81 -20.02
N LEU A 113 5.98 -18.27 -21.18
CA LEU A 113 5.15 -19.08 -22.07
C LEU A 113 5.02 -20.49 -21.54
N SER A 114 3.87 -21.13 -21.78
CA SER A 114 3.62 -22.51 -21.38
C SER A 114 3.01 -23.25 -22.55
N LEU A 115 2.97 -24.58 -22.44
CA LEU A 115 2.35 -25.41 -23.46
C LEU A 115 0.88 -25.48 -23.04
N ILE A 116 -0.03 -25.17 -23.96
CA ILE A 116 -1.46 -25.21 -23.65
C ILE A 116 -2.04 -26.32 -24.50
N TYR A 117 -2.76 -27.27 -23.91
CA TYR A 117 -3.32 -28.35 -24.69
C TYR A 117 -4.79 -28.62 -24.45
N ASN A 118 -5.43 -29.21 -25.46
CA ASN A 118 -6.84 -29.53 -25.42
C ASN A 118 -6.98 -30.95 -24.88
N LYS A 119 -7.52 -31.09 -23.68
CA LYS A 119 -7.67 -32.40 -23.06
C LYS A 119 -8.60 -33.35 -23.80
N ASP A 120 -9.47 -32.82 -24.64
CA ASP A 120 -10.40 -33.65 -25.40
C ASP A 120 -9.79 -34.18 -26.69
N LEU A 121 -8.66 -33.62 -27.08
CA LEU A 121 -7.98 -34.07 -28.30
C LEU A 121 -6.70 -34.80 -27.91
N LEU A 122 -6.16 -34.46 -26.75
CA LEU A 122 -4.92 -35.08 -26.29
C LEU A 122 -4.90 -35.09 -24.77
N PRO A 123 -5.39 -36.16 -24.16
CA PRO A 123 -5.42 -36.29 -22.69
C PRO A 123 -4.03 -36.26 -22.06
N ASN A 124 -3.04 -36.80 -22.77
CA ASN A 124 -1.67 -36.81 -22.28
C ASN A 124 -0.75 -36.10 -23.28
N PRO A 125 -0.40 -34.83 -23.00
CA PRO A 125 0.47 -34.04 -23.87
C PRO A 125 1.88 -34.60 -23.94
N PRO A 126 2.56 -34.43 -25.09
CA PRO A 126 3.93 -34.92 -25.31
C PRO A 126 4.91 -34.28 -24.36
N LYS A 127 5.88 -35.06 -23.89
CA LYS A 127 6.88 -34.51 -22.99
C LYS A 127 8.06 -33.99 -23.79
N THR A 128 8.18 -34.43 -25.04
CA THR A 128 9.29 -34.01 -25.88
C THR A 128 8.84 -33.45 -27.23
N TRP A 129 9.67 -32.59 -27.82
CA TRP A 129 9.35 -32.04 -29.13
C TRP A 129 9.44 -33.13 -30.19
N GLU A 130 10.36 -34.07 -29.99
CA GLU A 130 10.57 -35.17 -30.92
C GLU A 130 9.34 -36.02 -31.17
N GLU A 131 8.38 -35.96 -30.25
CA GLU A 131 7.15 -36.74 -30.36
C GLU A 131 6.07 -36.04 -31.19
N ILE A 132 6.22 -34.74 -31.42
CA ILE A 132 5.23 -33.98 -32.17
C ILE A 132 4.95 -34.42 -33.61
N PRO A 133 6.00 -34.76 -34.38
CA PRO A 133 5.75 -35.20 -35.77
C PRO A 133 4.84 -36.43 -35.87
N ALA A 134 5.08 -37.42 -35.03
CA ALA A 134 4.26 -38.64 -35.04
C ALA A 134 2.85 -38.31 -34.58
N LEU A 135 2.74 -37.43 -33.60
CA LEU A 135 1.44 -37.05 -33.06
C LEU A 135 0.64 -36.27 -34.09
N ASP A 136 1.33 -35.43 -34.88
CA ASP A 136 0.64 -34.64 -35.90
C ASP A 136 0.11 -35.54 -37.00
N LYS A 137 0.92 -36.52 -37.37
CA LYS A 137 0.53 -37.46 -38.42
C LYS A 137 -0.79 -38.11 -38.01
N GLU A 138 -0.83 -38.61 -36.77
CA GLU A 138 -2.01 -39.25 -36.22
C GLU A 138 -3.22 -38.32 -36.22
N LEU A 139 -3.02 -37.11 -35.71
CA LEU A 139 -4.11 -36.14 -35.65
C LEU A 139 -4.53 -35.66 -37.03
N LYS A 140 -3.58 -35.53 -37.96
CA LYS A 140 -3.91 -35.08 -39.30
C LYS A 140 -4.89 -36.05 -39.95
N ALA A 141 -4.70 -37.34 -39.68
CA ALA A 141 -5.58 -38.37 -40.23
C ALA A 141 -6.97 -38.21 -39.64
N LYS A 142 -7.07 -37.36 -38.63
CA LYS A 142 -8.36 -37.11 -37.97
C LYS A 142 -8.87 -35.70 -38.28
N GLY A 143 -8.21 -35.04 -39.22
CA GLY A 143 -8.62 -33.70 -39.60
C GLY A 143 -8.17 -32.62 -38.63
N LYS A 144 -7.18 -32.92 -37.81
CA LYS A 144 -6.67 -31.96 -36.85
C LYS A 144 -5.15 -31.90 -36.85
N SER A 145 -4.59 -30.88 -36.21
CA SER A 145 -3.13 -30.72 -36.16
C SER A 145 -2.65 -30.88 -34.71
N ALA A 146 -1.36 -31.16 -34.53
CA ALA A 146 -0.81 -31.34 -33.20
C ALA A 146 -0.51 -30.04 -32.49
N LEU A 147 0.18 -29.14 -33.17
CA LEU A 147 0.57 -27.88 -32.54
C LEU A 147 0.60 -26.69 -33.48
N MET A 148 0.11 -25.56 -32.98
CA MET A 148 0.13 -24.34 -33.75
C MET A 148 0.40 -23.15 -32.83
N PHE A 149 1.38 -22.33 -33.20
CA PHE A 149 1.71 -21.14 -32.44
C PHE A 149 2.26 -20.05 -33.33
N ASN A 150 2.39 -18.84 -32.80
CA ASN A 150 2.88 -17.73 -33.58
C ASN A 150 4.33 -17.85 -34.00
N LEU A 151 4.55 -18.06 -35.30
CA LEU A 151 5.92 -18.19 -35.80
C LEU A 151 6.50 -16.85 -36.25
N GLN A 152 5.67 -15.80 -36.23
CA GLN A 152 6.12 -14.48 -36.66
C GLN A 152 6.87 -13.68 -35.60
N GLU A 153 6.71 -14.04 -34.32
CA GLU A 153 7.43 -13.34 -33.24
C GLU A 153 8.42 -14.31 -32.61
N PRO A 154 9.73 -13.97 -32.62
CA PRO A 154 10.77 -14.85 -32.07
C PRO A 154 10.57 -15.26 -30.62
N TYR A 155 9.78 -14.47 -29.89
CA TYR A 155 9.48 -14.75 -28.49
C TYR A 155 8.94 -16.17 -28.36
N PHE A 156 8.11 -16.58 -29.31
CA PHE A 156 7.48 -17.91 -29.27
C PHE A 156 8.36 -19.09 -29.69
N THR A 157 9.35 -18.84 -30.54
CA THR A 157 10.24 -19.90 -31.01
C THR A 157 11.51 -19.98 -30.14
N TRP A 158 11.82 -18.89 -29.46
CA TRP A 158 13.01 -18.88 -28.61
C TRP A 158 13.15 -20.03 -27.61
N PRO A 159 12.04 -20.47 -26.98
CA PRO A 159 12.17 -21.58 -26.03
C PRO A 159 12.81 -22.84 -26.63
N LEU A 160 12.52 -23.08 -27.91
CA LEU A 160 13.06 -24.24 -28.62
C LEU A 160 14.49 -23.97 -29.05
N ILE A 161 14.77 -22.75 -29.48
CA ILE A 161 16.12 -22.40 -29.92
C ILE A 161 17.11 -22.46 -28.76
N ALA A 162 16.67 -22.03 -27.58
CA ALA A 162 17.52 -22.02 -26.40
C ALA A 162 17.62 -23.37 -25.70
N ALA A 163 16.67 -24.26 -25.97
CA ALA A 163 16.64 -25.57 -25.33
C ALA A 163 17.97 -26.31 -25.33
N ASP A 164 18.55 -26.51 -26.50
CA ASP A 164 19.80 -27.25 -26.58
C ASP A 164 21.08 -26.42 -26.45
N GLY A 165 20.97 -25.18 -25.98
CA GLY A 165 22.16 -24.37 -25.80
C GLY A 165 22.21 -22.98 -26.41
N GLY A 166 21.20 -22.62 -27.19
CA GLY A 166 21.20 -21.30 -27.78
C GLY A 166 21.08 -20.22 -26.71
N TYR A 167 21.64 -19.03 -26.97
CA TYR A 167 21.54 -17.94 -26.01
C TYR A 167 21.70 -16.59 -26.68
N ALA A 168 21.25 -15.54 -26.01
CA ALA A 168 21.35 -14.20 -26.58
C ALA A 168 22.75 -13.62 -26.40
N PHE A 169 23.00 -13.05 -25.23
CA PHE A 169 24.30 -12.46 -24.92
C PHE A 169 24.95 -13.18 -23.74
N LYS A 170 26.24 -13.47 -23.86
CA LYS A 170 26.98 -14.15 -22.80
C LYS A 170 27.11 -13.21 -21.61
N TYR A 171 26.82 -13.73 -20.41
CA TYR A 171 26.93 -12.93 -19.21
C TYR A 171 28.19 -13.33 -18.45
N GLU A 172 29.14 -12.41 -18.33
CA GLU A 172 30.38 -12.71 -17.62
C GLU A 172 30.90 -11.47 -16.90
N ASN A 173 31.56 -11.69 -15.77
CA ASN A 173 32.11 -10.59 -14.97
C ASN A 173 31.05 -9.62 -14.48
N GLY A 174 29.80 -10.06 -14.44
CA GLY A 174 28.74 -9.19 -13.97
C GLY A 174 28.12 -8.30 -15.02
N LYS A 175 28.39 -8.58 -16.29
CA LYS A 175 27.83 -7.79 -17.37
C LYS A 175 27.62 -8.65 -18.62
N TYR A 176 26.73 -8.20 -19.49
CA TYR A 176 26.45 -8.90 -20.73
C TYR A 176 27.45 -8.48 -21.80
N ASP A 177 28.02 -9.45 -22.50
CA ASP A 177 28.99 -9.19 -23.56
C ASP A 177 28.26 -9.20 -24.89
N ILE A 178 27.90 -8.02 -25.38
CA ILE A 178 27.17 -7.86 -26.64
C ILE A 178 27.85 -8.51 -27.84
N LYS A 179 29.17 -8.68 -27.73
CA LYS A 179 29.95 -9.24 -28.80
C LYS A 179 30.05 -10.76 -28.73
N ASP A 180 29.45 -11.36 -27.70
CA ASP A 180 29.48 -12.81 -27.53
C ASP A 180 28.04 -13.31 -27.58
N VAL A 181 27.54 -13.58 -28.79
CA VAL A 181 26.17 -14.03 -29.01
C VAL A 181 26.10 -15.54 -29.25
N GLY A 182 25.02 -16.16 -28.80
CA GLY A 182 24.87 -17.60 -28.97
C GLY A 182 23.72 -18.01 -29.84
N VAL A 183 23.31 -17.16 -30.77
CA VAL A 183 22.19 -17.50 -31.65
C VAL A 183 22.59 -18.42 -32.80
N ASP A 184 23.90 -18.61 -33.00
CA ASP A 184 24.34 -19.47 -34.08
C ASP A 184 25.25 -20.60 -33.61
N ASN A 185 25.07 -21.05 -32.36
CA ASN A 185 25.89 -22.16 -31.87
C ASN A 185 25.20 -23.48 -32.20
N ALA A 186 25.80 -24.60 -31.80
CA ALA A 186 25.24 -25.92 -32.07
C ALA A 186 23.80 -26.08 -31.61
N GLY A 187 23.53 -25.62 -30.39
CA GLY A 187 22.19 -25.73 -29.83
C GLY A 187 21.14 -24.91 -30.55
N ALA A 188 21.47 -23.68 -30.93
CA ALA A 188 20.52 -22.84 -31.65
C ALA A 188 20.22 -23.44 -33.01
N LYS A 189 21.26 -23.91 -33.69
CA LYS A 189 21.07 -24.52 -35.01
C LYS A 189 20.17 -25.74 -34.92
N ALA A 190 20.39 -26.57 -33.91
CA ALA A 190 19.59 -27.78 -33.74
C ALA A 190 18.12 -27.46 -33.54
N GLY A 191 17.85 -26.47 -32.68
CA GLY A 191 16.49 -26.07 -32.40
C GLY A 191 15.72 -25.51 -33.58
N LEU A 192 16.32 -24.58 -34.31
CA LEU A 192 15.62 -24.00 -35.45
C LEU A 192 15.49 -25.04 -36.57
N THR A 193 16.50 -25.90 -36.71
CA THR A 193 16.47 -26.95 -37.72
C THR A 193 15.25 -27.86 -37.49
N PHE A 194 15.02 -28.21 -36.23
CA PHE A 194 13.88 -29.07 -35.89
C PHE A 194 12.57 -28.40 -36.27
N LEU A 195 12.48 -27.09 -35.99
CA LEU A 195 11.27 -26.34 -36.31
C LEU A 195 11.05 -26.24 -37.82
N VAL A 196 12.11 -25.97 -38.56
CA VAL A 196 12.00 -25.87 -40.02
C VAL A 196 11.62 -27.23 -40.62
N ASP A 197 12.18 -28.31 -40.06
CA ASP A 197 11.85 -29.64 -40.57
C ASP A 197 10.37 -29.94 -40.33
N LEU A 198 9.83 -29.47 -39.21
CA LEU A 198 8.41 -29.68 -38.93
C LEU A 198 7.61 -29.02 -40.03
N ILE A 199 8.10 -27.88 -40.52
CA ILE A 199 7.42 -27.15 -41.58
C ILE A 199 7.57 -27.90 -42.91
N LYS A 200 8.78 -28.36 -43.20
CA LYS A 200 9.03 -29.08 -44.43
C LYS A 200 8.19 -30.36 -44.51
N ASN A 201 7.96 -31.00 -43.37
CA ASN A 201 7.18 -32.22 -43.33
C ASN A 201 5.69 -31.97 -43.10
N LYS A 202 5.27 -30.75 -43.42
CA LYS A 202 3.88 -30.34 -43.29
C LYS A 202 3.27 -30.55 -41.90
N HIS A 203 4.04 -30.29 -40.86
CA HIS A 203 3.53 -30.43 -39.50
C HIS A 203 3.23 -29.06 -38.91
N MET A 204 3.49 -28.03 -39.71
CA MET A 204 3.23 -26.65 -39.31
C MET A 204 3.40 -25.76 -40.53
N ASN A 205 2.73 -24.61 -40.52
CA ASN A 205 2.80 -23.67 -41.63
C ASN A 205 3.68 -22.48 -41.27
N ALA A 206 4.56 -22.09 -42.19
CA ALA A 206 5.46 -20.97 -41.95
C ALA A 206 4.75 -19.61 -41.85
N ASP A 207 3.48 -19.56 -42.26
CA ASP A 207 2.73 -18.30 -42.21
C ASP A 207 1.87 -18.20 -40.94
N THR A 208 1.91 -19.20 -40.08
CA THR A 208 1.12 -19.18 -38.87
C THR A 208 1.49 -18.01 -37.97
N ASP A 209 0.50 -17.21 -37.60
CA ASP A 209 0.73 -16.05 -36.73
C ASP A 209 -0.11 -16.15 -35.45
N TYR A 210 -0.14 -15.07 -34.68
CA TYR A 210 -0.89 -15.11 -33.42
C TYR A 210 -2.38 -15.39 -33.62
N SER A 211 -3.03 -14.62 -34.48
CA SER A 211 -4.45 -14.78 -34.73
C SER A 211 -4.82 -16.18 -35.22
N ILE A 212 -4.07 -16.67 -36.20
CA ILE A 212 -4.30 -17.98 -36.78
C ILE A 212 -4.20 -19.07 -35.71
N ALA A 213 -3.11 -19.04 -34.95
CA ALA A 213 -2.88 -20.03 -33.91
C ALA A 213 -3.96 -19.98 -32.84
N GLU A 214 -4.33 -18.78 -32.41
CA GLU A 214 -5.35 -18.64 -31.38
C GLU A 214 -6.69 -19.20 -31.86
N ALA A 215 -7.09 -18.81 -33.08
CA ALA A 215 -8.35 -19.29 -33.64
C ALA A 215 -8.35 -20.82 -33.71
N ALA A 216 -7.26 -21.39 -34.22
CA ALA A 216 -7.14 -22.83 -34.36
C ALA A 216 -7.34 -23.58 -33.04
N PHE A 217 -6.69 -23.10 -31.99
CA PHE A 217 -6.82 -23.77 -30.70
C PHE A 217 -8.18 -23.54 -30.04
N ASN A 218 -8.69 -22.32 -30.11
CA ASN A 218 -9.96 -22.01 -29.48
C ASN A 218 -11.15 -22.65 -30.23
N LYS A 219 -10.95 -23.02 -31.50
CA LYS A 219 -12.01 -23.66 -32.28
C LYS A 219 -11.85 -25.18 -32.26
N GLY A 220 -10.84 -25.66 -31.54
CA GLY A 220 -10.61 -27.08 -31.43
C GLY A 220 -10.04 -27.75 -32.68
N GLU A 221 -9.27 -26.99 -33.45
CA GLU A 221 -8.68 -27.53 -34.67
C GLU A 221 -7.26 -28.06 -34.45
N THR A 222 -6.60 -27.59 -33.40
CA THR A 222 -5.24 -28.03 -33.07
C THR A 222 -5.19 -28.47 -31.61
N ALA A 223 -4.46 -29.55 -31.32
CA ALA A 223 -4.37 -30.07 -29.96
C ALA A 223 -3.55 -29.23 -28.98
N MET A 224 -2.61 -28.44 -29.48
CA MET A 224 -1.76 -27.65 -28.61
C MET A 224 -1.40 -26.29 -29.18
N THR A 225 -0.96 -25.39 -28.30
CA THR A 225 -0.52 -24.07 -28.71
C THR A 225 0.50 -23.63 -27.66
N ILE A 226 1.23 -22.57 -27.95
CA ILE A 226 2.21 -22.05 -27.00
C ILE A 226 1.84 -20.60 -26.82
N ASN A 227 1.54 -20.21 -25.60
CA ASN A 227 1.16 -18.83 -25.35
C ASN A 227 1.31 -18.47 -23.88
N GLY A 228 1.05 -17.21 -23.57
CA GLY A 228 1.16 -16.73 -22.20
C GLY A 228 -0.17 -16.65 -21.48
N PRO A 229 -0.16 -16.26 -20.20
CA PRO A 229 -1.36 -16.13 -19.35
C PRO A 229 -2.50 -15.28 -19.89
N TRP A 230 -2.15 -14.19 -20.58
CA TRP A 230 -3.16 -13.29 -21.13
C TRP A 230 -4.13 -14.03 -22.05
N ALA A 231 -3.64 -15.08 -22.70
CA ALA A 231 -4.45 -15.86 -23.63
C ALA A 231 -5.52 -16.73 -22.97
N TRP A 232 -5.36 -17.03 -21.68
CA TRP A 232 -6.32 -17.90 -20.99
C TRP A 232 -7.76 -17.42 -21.02
N SER A 233 -7.95 -16.10 -20.95
CA SER A 233 -9.30 -15.56 -20.96
C SER A 233 -10.07 -15.96 -22.22
N ASN A 234 -9.48 -15.76 -23.39
CA ASN A 234 -10.14 -16.12 -24.64
C ASN A 234 -10.42 -17.63 -24.72
N ILE A 235 -9.53 -18.44 -24.15
CA ILE A 235 -9.72 -19.89 -24.16
C ILE A 235 -10.88 -20.25 -23.25
N ASP A 236 -11.02 -19.56 -22.12
CA ASP A 236 -12.12 -19.84 -21.22
C ASP A 236 -13.43 -19.55 -21.94
N THR A 237 -13.45 -18.47 -22.73
CA THR A 237 -14.66 -18.10 -23.46
C THR A 237 -15.00 -19.13 -24.53
N SER A 238 -13.99 -19.77 -25.10
CA SER A 238 -14.21 -20.78 -26.14
C SER A 238 -14.75 -22.06 -25.51
N LYS A 239 -14.64 -22.18 -24.20
CA LYS A 239 -15.12 -23.36 -23.48
C LYS A 239 -14.32 -24.63 -23.77
N VAL A 240 -13.15 -24.48 -24.38
CA VAL A 240 -12.31 -25.64 -24.66
C VAL A 240 -11.79 -26.15 -23.30
N ASN A 241 -11.75 -27.47 -23.14
CA ASN A 241 -11.25 -28.06 -21.90
C ASN A 241 -9.74 -28.12 -22.06
N TYR A 242 -9.05 -27.10 -21.55
CA TYR A 242 -7.59 -27.02 -21.70
C TYR A 242 -6.76 -27.19 -20.42
N GLY A 243 -5.49 -27.52 -20.62
CA GLY A 243 -4.55 -27.67 -19.53
C GLY A 243 -3.36 -26.79 -19.87
N VAL A 244 -2.59 -26.37 -18.88
CA VAL A 244 -1.39 -25.55 -19.11
C VAL A 244 -0.29 -26.34 -18.42
N THR A 245 0.79 -26.64 -19.14
CA THR A 245 1.84 -27.45 -18.53
C THR A 245 3.23 -27.07 -18.99
N VAL A 246 4.23 -27.85 -18.56
CA VAL A 246 5.60 -27.58 -18.92
C VAL A 246 5.80 -27.79 -20.42
N LEU A 247 6.60 -26.91 -21.03
CA LEU A 247 6.88 -27.00 -22.45
C LEU A 247 7.62 -28.31 -22.70
N PRO A 248 7.52 -28.84 -23.92
CA PRO A 248 8.20 -30.10 -24.22
C PRO A 248 9.73 -29.94 -24.22
N THR A 249 10.44 -31.03 -23.98
CA THR A 249 11.89 -30.97 -23.94
C THR A 249 12.42 -31.21 -25.34
N PHE A 250 13.66 -30.78 -25.59
CA PHE A 250 14.28 -30.98 -26.89
C PHE A 250 15.66 -31.58 -26.60
N LYS A 251 15.96 -32.69 -27.24
CA LYS A 251 17.23 -33.39 -27.04
C LYS A 251 17.47 -33.61 -25.55
N GLY A 252 16.39 -33.96 -24.84
CA GLY A 252 16.47 -34.22 -23.41
C GLY A 252 16.56 -32.99 -22.54
N GLN A 253 16.61 -31.82 -23.16
CA GLN A 253 16.73 -30.55 -22.46
C GLN A 253 15.41 -29.79 -22.40
N PRO A 254 15.08 -29.19 -21.25
CA PRO A 254 13.82 -28.44 -21.21
C PRO A 254 13.87 -27.21 -22.08
N SER A 255 12.70 -26.75 -22.53
CA SER A 255 12.64 -25.54 -23.35
C SER A 255 12.93 -24.41 -22.38
N LYS A 256 13.58 -23.36 -22.89
CA LYS A 256 13.96 -22.25 -22.04
C LYS A 256 13.39 -20.93 -22.54
N PRO A 257 12.15 -20.62 -22.15
CA PRO A 257 11.57 -19.37 -22.63
C PRO A 257 12.26 -18.16 -22.01
N PHE A 258 12.21 -17.03 -22.72
CA PHE A 258 12.78 -15.81 -22.19
C PHE A 258 11.67 -15.26 -21.31
N VAL A 259 11.98 -15.01 -20.04
CA VAL A 259 11.00 -14.54 -19.06
C VAL A 259 10.89 -13.03 -19.05
N GLY A 260 9.67 -12.53 -19.19
CA GLY A 260 9.46 -11.10 -19.18
C GLY A 260 8.77 -10.60 -17.93
N VAL A 261 9.20 -9.44 -17.45
CA VAL A 261 8.55 -8.84 -16.29
C VAL A 261 7.77 -7.67 -16.85
N LEU A 262 6.44 -7.81 -16.91
CA LEU A 262 5.60 -6.73 -17.39
C LEU A 262 5.85 -5.59 -16.43
N SER A 263 6.24 -4.43 -16.96
CA SER A 263 6.56 -3.29 -16.12
C SER A 263 5.92 -1.98 -16.60
N ALA A 264 5.74 -1.04 -15.65
CA ALA A 264 5.15 0.26 -15.96
C ALA A 264 6.18 1.35 -15.78
N GLY A 265 6.55 2.00 -16.88
CA GLY A 265 7.53 3.07 -16.82
C GLY A 265 6.88 4.43 -16.95
N ILE A 266 7.52 5.45 -16.40
CA ILE A 266 6.98 6.80 -16.47
C ILE A 266 7.78 7.65 -17.45
N ASN A 267 7.07 8.35 -18.32
CA ASN A 267 7.69 9.20 -19.34
C ASN A 267 8.48 10.30 -18.67
N ALA A 268 9.75 10.44 -19.03
CA ALA A 268 10.61 11.47 -18.45
C ALA A 268 10.10 12.88 -18.78
N ALA A 269 9.36 13.01 -19.88
CA ALA A 269 8.83 14.30 -20.30
C ALA A 269 7.43 14.57 -19.75
N SER A 270 6.95 13.68 -18.89
CA SER A 270 5.62 13.86 -18.31
C SER A 270 5.60 14.89 -17.20
N PRO A 271 4.58 15.76 -17.20
CA PRO A 271 4.47 16.78 -16.17
C PRO A 271 3.58 16.21 -15.04
N ASN A 272 3.34 14.90 -15.09
CA ASN A 272 2.50 14.21 -14.12
C ASN A 272 3.21 13.03 -13.45
N LYS A 273 4.52 13.13 -13.29
CA LYS A 273 5.31 12.04 -12.69
C LYS A 273 4.83 11.58 -11.31
N GLU A 274 4.57 12.53 -10.41
CA GLU A 274 4.12 12.13 -9.08
C GLU A 274 2.73 11.51 -9.16
N LEU A 275 1.87 12.04 -10.03
CA LEU A 275 0.53 11.46 -10.18
C LEU A 275 0.66 10.03 -10.65
N ALA A 276 1.58 9.81 -11.58
CA ALA A 276 1.82 8.47 -12.11
C ALA A 276 2.28 7.52 -11.00
N LYS A 277 3.18 7.99 -10.15
CA LYS A 277 3.70 7.18 -9.05
C LYS A 277 2.59 6.85 -8.07
N GLU A 278 1.68 7.80 -7.85
CA GLU A 278 0.61 7.53 -6.91
C GLU A 278 -0.35 6.52 -7.51
N PHE A 279 -0.60 6.63 -8.81
CA PHE A 279 -1.51 5.68 -9.44
C PHE A 279 -0.92 4.28 -9.38
N LEU A 280 0.35 4.17 -9.75
CA LEU A 280 1.00 2.85 -9.76
C LEU A 280 1.22 2.26 -8.36
N GLU A 281 1.73 3.07 -7.44
CA GLU A 281 1.99 2.58 -6.08
C GLU A 281 0.76 2.39 -5.19
N ASN A 282 -0.17 3.33 -5.26
CA ASN A 282 -1.35 3.30 -4.39
C ASN A 282 -2.60 2.64 -4.95
N TYR A 283 -2.67 2.48 -6.27
CA TYR A 283 -3.87 1.89 -6.85
C TYR A 283 -3.63 0.59 -7.59
N LEU A 284 -2.75 0.60 -8.58
CA LEU A 284 -2.49 -0.60 -9.35
C LEU A 284 -1.80 -1.71 -8.56
N LEU A 285 -0.69 -1.38 -7.90
CA LEU A 285 0.04 -2.39 -7.16
C LEU A 285 -0.57 -2.71 -5.79
N THR A 286 -1.83 -3.14 -5.83
CA THR A 286 -2.58 -3.54 -4.65
C THR A 286 -3.32 -4.81 -5.04
N ASP A 287 -3.82 -5.56 -4.07
CA ASP A 287 -4.53 -6.80 -4.39
C ASP A 287 -5.74 -6.47 -5.26
N GLU A 288 -6.50 -5.46 -4.88
CA GLU A 288 -7.70 -5.06 -5.63
C GLU A 288 -7.39 -4.55 -7.03
N GLY A 289 -6.29 -3.81 -7.15
CA GLY A 289 -5.91 -3.27 -8.45
C GLY A 289 -5.50 -4.37 -9.41
N LEU A 290 -4.58 -5.23 -8.98
CA LEU A 290 -4.14 -6.31 -9.85
C LEU A 290 -5.28 -7.27 -10.17
N GLU A 291 -6.19 -7.47 -9.22
CA GLU A 291 -7.32 -8.35 -9.43
C GLU A 291 -8.19 -7.83 -10.58
N ALA A 292 -8.40 -6.51 -10.61
CA ALA A 292 -9.21 -5.90 -11.66
C ALA A 292 -8.62 -6.17 -13.04
N VAL A 293 -7.30 -6.01 -13.16
CA VAL A 293 -6.65 -6.25 -14.44
C VAL A 293 -6.66 -7.74 -14.75
N ASN A 294 -6.32 -8.55 -13.75
CA ASN A 294 -6.28 -10.01 -13.91
C ASN A 294 -7.61 -10.63 -14.33
N LYS A 295 -8.71 -10.09 -13.79
CA LYS A 295 -10.05 -10.56 -14.10
C LYS A 295 -10.36 -10.39 -15.58
N ASP A 296 -9.80 -9.34 -16.16
CA ASP A 296 -9.99 -9.03 -17.57
C ASP A 296 -9.13 -10.00 -18.40
N LYS A 297 -7.83 -9.99 -18.16
CA LYS A 297 -6.90 -10.89 -18.84
C LYS A 297 -5.85 -11.27 -17.82
N PRO A 298 -5.67 -12.58 -17.58
CA PRO A 298 -4.69 -13.07 -16.61
C PRO A 298 -3.29 -12.48 -16.77
N LEU A 299 -2.73 -12.00 -15.66
CA LEU A 299 -1.40 -11.41 -15.66
C LEU A 299 -0.32 -12.49 -15.48
N GLY A 300 -0.75 -13.65 -15.02
CA GLY A 300 0.21 -14.73 -14.76
C GLY A 300 0.67 -14.54 -13.34
N ALA A 301 1.95 -14.78 -13.07
CA ALA A 301 2.52 -14.62 -11.74
C ALA A 301 2.81 -13.14 -11.50
N VAL A 302 2.22 -12.55 -10.47
CA VAL A 302 2.43 -11.12 -10.23
C VAL A 302 3.64 -10.82 -9.34
N ALA A 303 4.13 -9.59 -9.44
CA ALA A 303 5.29 -9.16 -8.66
C ALA A 303 4.91 -8.86 -7.20
N LEU A 304 3.64 -8.54 -6.97
CA LEU A 304 3.13 -8.22 -5.63
C LEU A 304 2.95 -9.50 -4.82
N LYS A 305 3.79 -9.69 -3.81
CA LYS A 305 3.74 -10.89 -2.96
C LYS A 305 2.36 -11.28 -2.47
N SER A 306 1.67 -10.34 -1.84
CA SER A 306 0.35 -10.57 -1.27
C SER A 306 -0.65 -11.15 -2.27
N TYR A 307 -0.62 -10.69 -3.52
CA TYR A 307 -1.55 -11.20 -4.52
C TYR A 307 -1.07 -12.53 -5.10
N GLU A 308 0.24 -12.67 -5.29
CA GLU A 308 0.79 -13.90 -5.83
C GLU A 308 0.41 -15.09 -4.95
N GLU A 309 0.41 -14.89 -3.64
CA GLU A 309 0.04 -15.95 -2.71
C GLU A 309 -1.36 -16.47 -3.01
N GLU A 310 -2.23 -15.58 -3.49
CA GLU A 310 -3.61 -15.94 -3.81
C GLU A 310 -3.73 -16.65 -5.16
N LEU A 311 -2.76 -16.40 -6.05
CA LEU A 311 -2.77 -17.00 -7.38
C LEU A 311 -1.93 -18.28 -7.43
N ALA A 312 -1.15 -18.51 -6.38
CA ALA A 312 -0.28 -19.68 -6.30
C ALA A 312 -1.02 -21.02 -6.38
N LYS A 313 -2.24 -21.07 -5.87
CA LYS A 313 -3.05 -22.29 -5.87
C LYS A 313 -3.45 -22.74 -7.28
N ASP A 314 -3.52 -21.78 -8.20
CA ASP A 314 -3.90 -22.05 -9.59
C ASP A 314 -2.85 -22.90 -10.30
N PRO A 315 -3.25 -24.10 -10.79
CA PRO A 315 -2.32 -24.99 -11.48
C PRO A 315 -1.71 -24.35 -12.73
N ARG A 316 -2.45 -23.45 -13.37
CA ARG A 316 -1.98 -22.76 -14.57
C ARG A 316 -0.82 -21.81 -14.21
N ILE A 317 -0.89 -21.25 -13.00
CA ILE A 317 0.15 -20.34 -12.52
C ILE A 317 1.37 -21.18 -12.13
N ALA A 318 1.11 -22.36 -11.55
CA ALA A 318 2.21 -23.24 -11.16
C ALA A 318 2.99 -23.64 -12.41
N ALA A 319 2.27 -23.91 -13.50
CA ALA A 319 2.93 -24.29 -14.75
C ALA A 319 3.71 -23.11 -15.31
N THR A 320 3.15 -21.91 -15.18
CA THR A 320 3.81 -20.70 -15.66
C THR A 320 5.13 -20.52 -14.93
N MET A 321 5.12 -20.74 -13.61
CA MET A 321 6.30 -20.61 -12.78
C MET A 321 7.33 -21.69 -13.10
N GLU A 322 6.84 -22.89 -13.41
CA GLU A 322 7.74 -23.99 -13.72
C GLU A 322 8.50 -23.69 -15.01
N ASN A 323 7.80 -23.14 -16.00
CA ASN A 323 8.44 -22.81 -17.26
C ASN A 323 9.38 -21.62 -17.09
N ALA A 324 8.97 -20.67 -16.25
CA ALA A 324 9.80 -19.50 -15.99
C ALA A 324 11.13 -19.93 -15.39
N GLN A 325 11.07 -20.82 -14.41
CA GLN A 325 12.28 -21.30 -13.75
C GLN A 325 13.22 -22.07 -14.67
N LYS A 326 12.67 -22.71 -15.69
CA LYS A 326 13.50 -23.46 -16.64
C LYS A 326 14.09 -22.50 -17.68
N GLY A 327 13.49 -21.32 -17.81
CA GLY A 327 13.99 -20.34 -18.76
C GLY A 327 14.90 -19.33 -18.07
N GLU A 328 15.00 -18.12 -18.63
CA GLU A 328 15.82 -17.10 -18.01
C GLU A 328 15.23 -15.71 -18.19
N ILE A 329 15.43 -14.86 -17.19
CA ILE A 329 14.93 -13.50 -17.23
C ILE A 329 15.66 -12.80 -18.37
N MET A 330 14.92 -12.07 -19.19
CA MET A 330 15.53 -11.36 -20.31
C MET A 330 16.44 -10.25 -19.81
N PRO A 331 17.51 -9.95 -20.53
CA PRO A 331 18.37 -8.85 -20.07
C PRO A 331 17.57 -7.60 -20.45
N ASN A 332 17.92 -6.44 -19.90
CA ASN A 332 17.18 -5.21 -20.24
C ASN A 332 18.06 -4.23 -21.04
N ILE A 333 19.25 -4.68 -21.41
CA ILE A 333 20.18 -3.85 -22.15
C ILE A 333 19.62 -3.30 -23.48
N PRO A 334 20.12 -2.13 -23.92
CA PRO A 334 19.68 -1.50 -25.17
C PRO A 334 19.79 -2.40 -26.40
N GLN A 335 20.78 -3.29 -26.39
CA GLN A 335 21.00 -4.17 -27.53
C GLN A 335 19.90 -5.21 -27.73
N MET A 336 19.01 -5.36 -26.74
CA MET A 336 17.93 -6.34 -26.88
C MET A 336 17.06 -6.11 -28.11
N SER A 337 16.86 -4.87 -28.51
CA SER A 337 16.02 -4.64 -29.68
C SER A 337 16.71 -5.16 -30.95
N ALA A 338 18.03 -5.02 -31.02
CA ALA A 338 18.81 -5.51 -32.17
C ALA A 338 18.75 -7.03 -32.18
N PHE A 339 18.84 -7.62 -31.00
CA PHE A 339 18.78 -9.08 -30.86
C PHE A 339 17.43 -9.60 -31.34
N TRP A 340 16.33 -8.99 -30.86
CA TRP A 340 15.01 -9.46 -31.26
C TRP A 340 14.76 -9.31 -32.75
N TYR A 341 15.17 -8.19 -33.33
CA TYR A 341 14.97 -7.98 -34.77
C TYR A 341 15.74 -9.03 -35.56
N ALA A 342 16.98 -9.27 -35.14
CA ALA A 342 17.87 -10.24 -35.78
C ALA A 342 17.27 -11.64 -35.78
N VAL A 343 16.78 -12.09 -34.63
CA VAL A 343 16.21 -13.42 -34.52
C VAL A 343 14.89 -13.53 -35.29
N ARG A 344 14.10 -12.46 -35.25
CA ARG A 344 12.83 -12.45 -35.98
C ARG A 344 13.09 -12.73 -37.45
N THR A 345 14.04 -12.00 -38.02
CA THR A 345 14.39 -12.17 -39.43
C THR A 345 14.91 -13.58 -39.71
N ALA A 346 15.77 -14.08 -38.82
CA ALA A 346 16.32 -15.42 -39.01
C ALA A 346 15.22 -16.48 -39.07
N VAL A 347 14.32 -16.46 -38.10
CA VAL A 347 13.25 -17.43 -38.06
C VAL A 347 12.33 -17.36 -39.28
N ILE A 348 11.90 -16.16 -39.64
CA ILE A 348 11.02 -16.00 -40.79
C ILE A 348 11.70 -16.45 -42.08
N ASN A 349 12.95 -16.03 -42.27
CA ASN A 349 13.68 -16.42 -43.46
C ASN A 349 13.92 -17.92 -43.54
N ALA A 350 14.26 -18.56 -42.42
CA ALA A 350 14.49 -20.00 -42.46
C ALA A 350 13.19 -20.78 -42.63
N ALA A 351 12.15 -20.38 -41.91
CA ALA A 351 10.86 -21.04 -41.97
C ALA A 351 10.25 -20.95 -43.37
N SER A 352 10.44 -19.81 -44.02
CA SER A 352 9.88 -19.59 -45.35
C SER A 352 10.79 -20.11 -46.46
N GLY A 353 11.98 -20.57 -46.10
CA GLY A 353 12.89 -21.10 -47.10
C GLY A 353 13.73 -20.05 -47.82
N ARG A 354 13.69 -18.80 -47.35
CA ARG A 354 14.47 -17.72 -47.97
C ARG A 354 15.97 -17.91 -47.70
N GLN A 355 16.29 -18.65 -46.64
CA GLN A 355 17.67 -18.91 -46.28
C GLN A 355 17.77 -20.25 -45.57
N THR A 356 18.97 -20.83 -45.58
CA THR A 356 19.19 -22.10 -44.88
C THR A 356 19.17 -21.71 -43.40
N VAL A 357 18.94 -22.67 -42.53
CA VAL A 357 18.91 -22.39 -41.10
C VAL A 357 20.25 -21.83 -40.64
N ASP A 358 21.33 -22.49 -41.05
CA ASP A 358 22.67 -22.07 -40.68
C ASP A 358 23.02 -20.64 -41.10
N GLU A 359 22.70 -20.26 -42.33
CA GLU A 359 23.02 -18.90 -42.76
C GLU A 359 22.10 -17.86 -42.14
N ALA A 360 20.84 -18.24 -41.92
CA ALA A 360 19.90 -17.31 -41.29
C ALA A 360 20.44 -16.96 -39.91
N LEU A 361 20.88 -17.96 -39.16
CA LEU A 361 21.40 -17.71 -37.81
C LEU A 361 22.76 -17.04 -37.82
N LYS A 362 23.59 -17.37 -38.81
CA LYS A 362 24.89 -16.71 -38.91
C LYS A 362 24.63 -15.21 -39.05
N ASP A 363 23.69 -14.83 -39.92
CA ASP A 363 23.39 -13.41 -40.08
C ASP A 363 22.83 -12.80 -38.79
N ALA A 364 22.01 -13.57 -38.07
CA ALA A 364 21.43 -13.07 -36.81
C ALA A 364 22.55 -12.81 -35.81
N GLN A 365 23.57 -13.67 -35.86
CA GLN A 365 24.72 -13.53 -34.98
C GLN A 365 25.39 -12.18 -35.25
N THR A 366 25.63 -11.92 -36.53
CA THR A 366 26.28 -10.68 -36.93
C THR A 366 25.42 -9.46 -36.57
N ASN B 1 24.13 -9.54 -36.89
CA ASN B 1 23.20 -8.44 -36.61
C ASN B 1 22.98 -8.19 -35.12
N SER B 2 22.97 -9.25 -34.32
CA SER B 2 22.77 -9.10 -32.89
C SER B 2 23.89 -8.29 -32.25
N SER B 3 25.09 -8.42 -32.82
CA SER B 3 26.27 -7.70 -32.36
C SER B 3 26.60 -6.65 -33.42
N SER B 4 25.92 -5.51 -33.36
CA SER B 4 26.17 -4.45 -34.32
C SER B 4 25.78 -3.10 -33.73
N ASN B 5 26.35 -2.03 -34.27
CA ASN B 5 26.09 -0.67 -33.80
C ASN B 5 26.47 -0.54 -32.33
N ASN B 6 27.74 -0.27 -32.09
CA ASN B 6 28.27 -0.14 -30.74
C ASN B 6 27.95 -1.38 -29.92
N LYS C 1 19.42 -7.08 26.78
CA LYS C 1 18.50 -5.90 26.76
C LYS C 1 17.63 -5.88 25.51
N ILE C 2 17.95 -4.98 24.57
CA ILE C 2 17.20 -4.89 23.32
C ILE C 2 17.35 -6.20 22.56
N GLU C 3 16.48 -6.45 21.58
CA GLU C 3 16.56 -7.68 20.81
C GLU C 3 16.36 -7.46 19.31
N GLU C 4 17.30 -7.98 18.52
CA GLU C 4 17.25 -7.85 17.08
C GLU C 4 16.44 -8.98 16.46
N GLY C 5 15.83 -8.71 15.31
CA GLY C 5 15.03 -9.72 14.64
C GLY C 5 13.73 -9.93 15.39
N LYS C 6 13.26 -8.86 16.03
CA LYS C 6 12.03 -8.89 16.82
C LYS C 6 11.44 -7.48 16.91
N LEU C 7 10.12 -7.39 17.08
CA LEU C 7 9.45 -6.10 17.22
C LEU C 7 8.63 -6.02 18.49
N VAL C 8 9.02 -5.09 19.36
CA VAL C 8 8.30 -4.86 20.61
C VAL C 8 7.55 -3.56 20.40
N ILE C 9 6.23 -3.62 20.61
CA ILE C 9 5.35 -2.47 20.44
C ILE C 9 4.62 -2.10 21.72
N TRP C 10 4.54 -0.79 21.99
CA TRP C 10 3.84 -0.28 23.17
C TRP C 10 2.66 0.56 22.69
N ILE C 11 1.50 0.34 23.30
CA ILE C 11 0.29 1.11 22.98
C ILE C 11 -0.57 1.15 24.23
N ASN C 12 -1.35 2.22 24.39
CA ASN C 12 -2.21 2.39 25.56
C ASN C 12 -3.23 1.26 25.75
N GLY C 13 -3.43 0.87 27.00
CA GLY C 13 -4.36 -0.20 27.31
C GLY C 13 -5.82 -0.02 26.94
N ASP C 14 -6.24 1.22 26.68
CA ASP C 14 -7.64 1.44 26.29
C ASP C 14 -7.84 1.33 24.78
N LYS C 15 -6.75 1.13 24.04
CA LYS C 15 -6.80 0.99 22.58
C LYS C 15 -6.92 -0.47 22.18
N GLY C 16 -7.09 -0.75 20.89
CA GLY C 16 -7.24 -2.13 20.46
C GLY C 16 -5.93 -2.88 20.32
N TYR C 17 -5.24 -3.12 21.43
CA TYR C 17 -3.95 -3.81 21.36
C TYR C 17 -4.06 -5.28 20.92
N ASN C 18 -5.19 -5.91 21.21
CA ASN C 18 -5.37 -7.30 20.79
C ASN C 18 -5.52 -7.31 19.27
N GLY C 19 -6.22 -6.31 18.74
CA GLY C 19 -6.41 -6.21 17.30
C GLY C 19 -5.06 -5.94 16.64
N LEU C 20 -4.26 -5.09 17.28
CA LEU C 20 -2.95 -4.77 16.74
C LEU C 20 -2.08 -6.04 16.75
N ALA C 21 -2.25 -6.86 17.78
CA ALA C 21 -1.48 -8.10 17.88
C ALA C 21 -1.81 -9.04 16.71
N GLU C 22 -3.05 -9.00 16.23
CA GLU C 22 -3.45 -9.84 15.10
C GLU C 22 -2.69 -9.40 13.86
N VAL C 23 -2.52 -8.08 13.70
CA VAL C 23 -1.79 -7.57 12.57
C VAL C 23 -0.33 -8.02 12.73
N GLY C 24 0.10 -8.10 13.99
CA GLY C 24 1.46 -8.55 14.27
C GLY C 24 1.68 -9.98 13.80
N LYS C 25 0.70 -10.85 14.04
CA LYS C 25 0.83 -12.24 13.63
C LYS C 25 0.94 -12.34 12.11
N LYS C 26 0.22 -11.49 11.41
CA LYS C 26 0.25 -11.45 9.95
C LYS C 26 1.68 -11.18 9.52
N PHE C 27 2.29 -10.18 10.16
CA PHE C 27 3.66 -9.80 9.84
C PHE C 27 4.62 -10.97 10.12
N GLU C 28 4.41 -11.66 11.23
CA GLU C 28 5.26 -12.77 11.61
C GLU C 28 5.23 -13.92 10.60
N LYS C 29 4.07 -14.26 10.07
CA LYS C 29 4.01 -15.35 9.13
C LYS C 29 4.63 -15.01 7.78
N ASP C 30 4.78 -13.73 7.47
CA ASP C 30 5.37 -13.33 6.20
C ASP C 30 6.87 -13.07 6.29
N THR C 31 7.33 -12.61 7.45
CA THR C 31 8.74 -12.27 7.62
C THR C 31 9.48 -13.20 8.58
N GLY C 32 8.72 -13.95 9.37
CA GLY C 32 9.32 -14.85 10.33
C GLY C 32 9.61 -14.24 11.67
N ILE C 33 9.55 -12.92 11.79
CA ILE C 33 9.84 -12.29 13.08
C ILE C 33 8.60 -12.13 13.95
N LYS C 34 8.75 -12.42 15.23
CA LYS C 34 7.63 -12.32 16.17
C LYS C 34 7.40 -10.87 16.59
N VAL C 35 6.13 -10.51 16.73
CA VAL C 35 5.75 -9.17 17.14
C VAL C 35 5.04 -9.24 18.49
N THR C 36 5.59 -8.55 19.47
CA THR C 36 5.01 -8.54 20.80
C THR C 36 4.40 -7.18 21.10
N VAL C 37 3.11 -7.17 21.38
CA VAL C 37 2.37 -5.95 21.71
C VAL C 37 2.15 -5.91 23.21
N GLU C 38 2.54 -4.80 23.82
CA GLU C 38 2.40 -4.61 25.25
C GLU C 38 1.68 -3.31 25.52
N HIS C 39 1.04 -3.21 26.68
CA HIS C 39 0.32 -1.99 27.04
C HIS C 39 0.62 -1.57 28.47
N PRO C 40 1.87 -1.12 28.72
CA PRO C 40 2.30 -0.68 30.05
C PRO C 40 1.53 0.56 30.50
N ASP C 41 1.45 0.75 31.81
CA ASP C 41 0.77 1.93 32.36
C ASP C 41 1.71 3.12 32.17
N LYS C 42 1.13 4.28 31.90
CA LYS C 42 1.89 5.53 31.71
C LYS C 42 3.07 5.31 30.78
N LEU C 43 2.83 4.61 29.67
CA LEU C 43 3.90 4.35 28.74
C LEU C 43 4.50 5.61 28.14
N GLU C 44 3.71 6.69 28.05
CA GLU C 44 4.21 7.94 27.48
C GLU C 44 5.29 8.59 28.35
N GLU C 45 5.34 8.18 29.62
CA GLU C 45 6.32 8.73 30.53
C GLU C 45 7.48 7.76 30.76
N LYS C 46 7.24 6.47 30.57
CA LYS C 46 8.27 5.47 30.73
C LYS C 46 9.17 5.44 29.50
N PHE C 47 8.59 5.65 28.32
CA PHE C 47 9.35 5.62 27.08
C PHE C 47 10.61 6.47 27.11
N PRO C 48 10.50 7.76 27.47
CA PRO C 48 11.69 8.62 27.51
C PRO C 48 12.74 8.16 28.52
N GLN C 49 12.31 7.46 29.56
CA GLN C 49 13.24 6.97 30.58
C GLN C 49 14.04 5.77 30.07
N VAL C 50 13.37 4.81 29.45
CA VAL C 50 14.05 3.62 28.94
C VAL C 50 14.76 3.87 27.62
N ALA C 51 14.15 4.67 26.74
CA ALA C 51 14.73 4.99 25.44
C ALA C 51 15.99 5.83 25.58
N ALA C 52 16.05 6.65 26.63
CA ALA C 52 17.19 7.52 26.87
C ALA C 52 18.48 6.74 27.02
N THR C 53 18.35 5.48 27.43
CA THR C 53 19.50 4.59 27.62
C THR C 53 19.42 3.43 26.65
N GLY C 54 19.71 2.24 27.15
CA GLY C 54 19.65 1.05 26.31
C GLY C 54 18.45 0.15 26.60
N ASP C 55 17.27 0.59 26.17
CA ASP C 55 16.06 -0.21 26.40
C ASP C 55 14.87 0.42 25.69
N GLY C 56 13.69 -0.12 25.92
CA GLY C 56 12.49 0.43 25.31
C GLY C 56 11.97 -0.38 24.14
N PRO C 57 10.76 -0.07 23.68
CA PRO C 57 10.17 -0.79 22.55
C PRO C 57 10.72 -0.32 21.21
N ASP C 58 10.46 -1.09 20.18
CA ASP C 58 10.90 -0.74 18.83
C ASP C 58 9.96 0.34 18.31
N ILE C 59 8.67 0.14 18.58
CA ILE C 59 7.62 1.06 18.14
C ILE C 59 6.77 1.52 19.32
N ILE C 60 6.48 2.82 19.39
CA ILE C 60 5.65 3.37 20.45
C ILE C 60 4.43 4.10 19.85
N PHE C 61 3.24 3.81 20.38
CA PHE C 61 2.00 4.44 19.94
C PHE C 61 1.49 5.45 20.96
N TRP C 62 1.16 6.65 20.51
CA TRP C 62 0.61 7.67 21.40
C TRP C 62 0.18 8.86 20.56
N ALA C 63 -0.65 9.73 21.13
CA ALA C 63 -1.08 10.92 20.41
C ALA C 63 0.21 11.70 20.10
N HIS C 64 0.20 12.40 18.97
CA HIS C 64 1.36 13.15 18.49
C HIS C 64 1.95 14.23 19.38
N ASP C 65 1.19 14.72 20.37
CA ASP C 65 1.72 15.81 21.19
C ASP C 65 3.01 15.51 21.94
N ARG C 66 3.19 14.25 22.34
CA ARG C 66 4.37 13.84 23.09
C ARG C 66 5.61 13.61 22.24
N PHE C 67 5.41 13.40 20.93
CA PHE C 67 6.52 13.12 20.03
C PHE C 67 7.53 14.24 19.80
N GLY C 68 7.12 15.50 19.91
CA GLY C 68 8.07 16.58 19.71
C GLY C 68 9.17 16.48 20.75
N GLY C 69 8.77 16.28 22.00
CA GLY C 69 9.74 16.14 23.08
C GLY C 69 10.67 14.98 22.85
N TYR C 70 10.12 13.83 22.44
CA TYR C 70 10.95 12.64 22.21
C TYR C 70 11.99 12.91 21.12
N ALA C 71 11.57 13.58 20.05
CA ALA C 71 12.43 13.89 18.91
C ALA C 71 13.56 14.82 19.31
N GLN C 72 13.21 15.87 20.05
CA GLN C 72 14.18 16.83 20.50
C GLN C 72 15.26 16.11 21.31
N SER C 73 14.86 15.08 22.05
CA SER C 73 15.80 14.31 22.86
C SER C 73 16.55 13.26 22.06
N GLY C 74 16.26 13.19 20.76
CA GLY C 74 16.90 12.22 19.90
C GLY C 74 16.45 10.79 20.12
N LEU C 75 15.23 10.61 20.62
CA LEU C 75 14.73 9.25 20.88
C LEU C 75 13.94 8.61 19.75
N LEU C 76 13.69 9.36 18.67
CA LEU C 76 12.92 8.82 17.56
C LEU C 76 13.69 8.79 16.24
N ALA C 77 13.48 7.74 15.46
CA ALA C 77 14.13 7.59 14.17
C ALA C 77 13.37 8.41 13.14
N GLU C 78 14.10 9.07 12.25
CA GLU C 78 13.45 9.86 11.21
C GLU C 78 12.79 8.92 10.21
N ILE C 79 11.58 9.27 9.78
CA ILE C 79 10.80 8.49 8.83
C ILE C 79 10.83 9.22 7.49
N THR C 80 11.05 8.48 6.40
CA THR C 80 11.09 9.09 5.08
C THR C 80 10.32 8.30 4.02
N PRO C 81 8.99 8.15 4.20
CA PRO C 81 8.17 7.42 3.23
C PRO C 81 8.18 8.21 1.92
N ASP C 82 8.02 7.53 0.80
CA ASP C 82 8.03 8.25 -0.47
C ASP C 82 6.75 9.08 -0.55
N LYS C 83 6.76 10.10 -1.41
CA LYS C 83 5.61 10.99 -1.55
C LYS C 83 4.31 10.28 -1.91
N ALA C 84 4.42 9.20 -2.67
CA ALA C 84 3.23 8.46 -3.06
C ALA C 84 2.55 7.87 -1.84
N PHE C 85 3.33 7.26 -0.94
CA PHE C 85 2.75 6.70 0.26
C PHE C 85 2.14 7.80 1.11
N GLN C 86 2.80 8.95 1.14
CA GLN C 86 2.27 10.06 1.92
C GLN C 86 0.88 10.45 1.43
N ASP C 87 0.64 10.35 0.13
CA ASP C 87 -0.65 10.72 -0.43
C ASP C 87 -1.78 9.76 -0.04
N LYS C 88 -1.47 8.66 0.65
CA LYS C 88 -2.54 7.76 1.06
C LYS C 88 -3.19 8.24 2.36
N LEU C 89 -2.54 9.18 3.03
CA LEU C 89 -3.04 9.75 4.28
C LEU C 89 -3.33 11.24 4.11
N TYR C 90 -4.17 11.80 4.97
CA TYR C 90 -4.48 13.24 4.86
C TYR C 90 -3.26 14.09 5.20
N PRO C 91 -3.02 15.16 4.43
CA PRO C 91 -1.87 16.04 4.69
C PRO C 91 -1.72 16.55 6.12
N PHE C 92 -2.82 16.93 6.75
CA PHE C 92 -2.70 17.46 8.11
C PHE C 92 -2.22 16.43 9.12
N THR C 93 -2.40 15.14 8.84
CA THR C 93 -1.93 14.12 9.78
C THR C 93 -0.41 14.06 9.76
N TRP C 94 0.18 14.26 8.59
CA TRP C 94 1.64 14.26 8.49
C TRP C 94 2.21 15.50 9.16
N ASP C 95 1.49 16.62 9.07
CA ASP C 95 1.98 17.85 9.70
C ASP C 95 2.05 17.67 11.21
N ALA C 96 1.14 16.85 11.75
CA ALA C 96 1.09 16.60 13.19
C ALA C 96 2.31 15.84 13.70
N VAL C 97 2.94 15.08 12.81
CA VAL C 97 4.12 14.30 13.17
C VAL C 97 5.38 14.86 12.51
N ARG C 98 5.36 16.13 12.18
CA ARG C 98 6.52 16.76 11.56
C ARG C 98 7.18 17.60 12.66
N TYR C 99 8.48 17.40 12.84
CA TYR C 99 9.22 18.16 13.86
C TYR C 99 10.57 18.63 13.31
N ASN C 100 10.81 19.94 13.36
CA ASN C 100 12.04 20.51 12.85
C ASN C 100 12.23 20.15 11.38
N GLY C 101 11.11 20.09 10.65
CA GLY C 101 11.14 19.77 9.23
C GLY C 101 11.30 18.32 8.87
N LYS C 102 11.19 17.44 9.86
CA LYS C 102 11.34 16.00 9.61
C LYS C 102 10.19 15.18 10.17
N LEU C 103 9.79 14.14 9.45
CA LEU C 103 8.71 13.28 9.91
C LEU C 103 9.29 12.35 10.95
N ILE C 104 8.64 12.27 12.12
CA ILE C 104 9.15 11.41 13.16
C ILE C 104 8.19 10.32 13.64
N ALA C 105 7.16 10.07 12.85
CA ALA C 105 6.18 9.03 13.18
C ALA C 105 5.19 8.84 12.05
N TYR C 106 4.47 7.72 12.11
CA TYR C 106 3.43 7.41 11.14
C TYR C 106 2.11 7.73 11.79
N PRO C 107 1.31 8.60 11.17
CA PRO C 107 0.00 8.95 11.72
C PRO C 107 -0.95 7.76 11.51
N ILE C 108 -1.81 7.51 12.49
CA ILE C 108 -2.75 6.40 12.44
C ILE C 108 -4.21 6.83 12.48
N ALA C 109 -4.60 7.56 13.53
CA ALA C 109 -5.99 8.00 13.64
C ALA C 109 -6.11 9.39 14.24
N VAL C 110 -7.24 10.04 13.98
CA VAL C 110 -7.49 11.37 14.50
C VAL C 110 -8.51 11.22 15.61
N GLU C 111 -8.10 11.60 16.81
CA GLU C 111 -8.94 11.47 18.00
C GLU C 111 -9.50 12.76 18.56
N ALA C 112 -10.79 12.74 18.86
CA ALA C 112 -11.47 13.88 19.47
C ALA C 112 -12.53 13.35 20.41
N LEU C 113 -12.69 14.06 21.51
CA LEU C 113 -13.70 13.69 22.52
C LEU C 113 -15.06 14.14 22.02
N SER C 114 -16.10 13.40 22.39
CA SER C 114 -17.48 13.75 22.04
C SER C 114 -18.30 13.58 23.31
N LEU C 115 -19.54 14.06 23.26
CA LEU C 115 -20.47 13.91 24.37
C LEU C 115 -21.19 12.60 24.06
N ILE C 116 -21.20 11.69 25.03
CA ILE C 116 -21.87 10.39 24.87
C ILE C 116 -23.03 10.42 25.85
N TYR C 117 -24.24 10.08 25.39
CA TYR C 117 -25.36 10.12 26.29
C TYR C 117 -26.26 8.88 26.21
N ASN C 118 -26.96 8.61 27.30
CA ASN C 118 -27.87 7.46 27.39
C ASN C 118 -29.26 7.93 26.99
N LYS C 119 -29.71 7.48 25.83
CA LYS C 119 -31.01 7.88 25.32
C LYS C 119 -32.21 7.49 26.20
N ASP C 120 -32.01 6.49 27.06
CA ASP C 120 -33.08 6.06 27.96
C ASP C 120 -33.16 6.91 29.22
N LEU C 121 -32.16 7.76 29.42
CA LEU C 121 -32.14 8.65 30.57
C LEU C 121 -32.34 10.07 30.08
N LEU C 122 -31.78 10.34 28.90
CA LEU C 122 -31.88 11.66 28.30
C LEU C 122 -32.05 11.52 26.79
N PRO C 123 -33.31 11.45 26.32
CA PRO C 123 -33.58 11.31 24.88
C PRO C 123 -32.96 12.42 24.04
N ASN C 124 -32.91 13.62 24.59
CA ASN C 124 -32.34 14.75 23.88
C ASN C 124 -31.22 15.35 24.72
N PRO C 125 -29.97 15.24 24.24
CA PRO C 125 -28.81 15.77 24.98
C PRO C 125 -28.82 17.30 25.09
N PRO C 126 -28.23 17.83 26.16
CA PRO C 126 -28.18 19.28 26.38
C PRO C 126 -27.27 19.94 25.35
N LYS C 127 -27.67 21.10 24.86
CA LYS C 127 -26.85 21.81 23.89
C LYS C 127 -25.85 22.72 24.59
N THR C 128 -26.10 23.04 25.86
CA THR C 128 -25.21 23.93 26.60
C THR C 128 -24.77 23.36 27.95
N TRP C 129 -23.58 23.75 28.40
CA TRP C 129 -23.07 23.31 29.68
C TRP C 129 -23.93 23.87 30.81
N GLU C 130 -24.41 25.09 30.62
CA GLU C 130 -25.23 25.76 31.64
C GLU C 130 -26.54 25.05 31.98
N GLU C 131 -26.96 24.13 31.12
CA GLU C 131 -28.20 23.39 31.32
C GLU C 131 -27.99 22.13 32.18
N ILE C 132 -26.74 21.72 32.34
CA ILE C 132 -26.43 20.52 33.09
C ILE C 132 -26.82 20.55 34.57
N PRO C 133 -26.58 21.68 35.27
CA PRO C 133 -26.96 21.71 36.69
C PRO C 133 -28.44 21.41 36.93
N ALA C 134 -29.31 22.03 36.14
CA ALA C 134 -30.76 21.81 36.28
C ALA C 134 -31.11 20.38 35.90
N LEU C 135 -30.44 19.87 34.87
CA LEU C 135 -30.68 18.51 34.42
C LEU C 135 -30.27 17.50 35.49
N ASP C 136 -29.16 17.78 36.17
CA ASP C 136 -28.69 16.87 37.20
C ASP C 136 -29.66 16.80 38.37
N LYS C 137 -30.18 17.97 38.78
CA LYS C 137 -31.12 18.02 39.89
C LYS C 137 -32.33 17.13 39.61
N GLU C 138 -32.81 17.19 38.37
CA GLU C 138 -33.95 16.38 37.96
C GLU C 138 -33.61 14.90 38.04
N LEU C 139 -32.44 14.53 37.55
CA LEU C 139 -32.02 13.13 37.57
C LEU C 139 -31.69 12.64 38.99
N LYS C 140 -31.18 13.53 39.83
CA LYS C 140 -30.82 13.16 41.20
C LYS C 140 -32.03 12.67 41.99
N ALA C 141 -33.20 13.21 41.65
CA ALA C 141 -34.44 12.83 42.30
C ALA C 141 -34.83 11.40 41.93
N LYS C 142 -34.25 10.90 40.83
CA LYS C 142 -34.55 9.55 40.36
C LYS C 142 -33.42 8.58 40.67
N GLY C 143 -32.46 9.02 41.48
CA GLY C 143 -31.35 8.16 41.83
C GLY C 143 -30.28 8.10 40.75
N LYS C 144 -30.29 9.08 39.85
CA LYS C 144 -29.30 9.13 38.78
C LYS C 144 -28.51 10.45 38.80
N SER C 145 -27.50 10.54 37.94
CA SER C 145 -26.68 11.73 37.84
C SER C 145 -26.66 12.16 36.38
N ALA C 146 -26.38 13.42 36.13
CA ALA C 146 -26.39 13.94 34.76
C ALA C 146 -25.11 13.66 33.98
N LEU C 147 -23.98 13.93 34.60
CA LEU C 147 -22.70 13.78 33.91
C LEU C 147 -21.54 13.30 34.78
N MET C 148 -20.72 12.46 34.19
CA MET C 148 -19.53 11.95 34.86
C MET C 148 -18.45 11.68 33.82
N PHE C 149 -17.28 12.26 34.04
CA PHE C 149 -16.13 12.07 33.16
C PHE C 149 -14.84 12.14 33.97
N ASN C 150 -13.75 11.70 33.37
CA ASN C 150 -12.46 11.68 34.05
C ASN C 150 -11.87 13.06 34.36
N LEU C 151 -12.02 13.51 35.59
CA LEU C 151 -11.48 14.82 35.98
C LEU C 151 -10.00 14.80 36.27
N GLN C 152 -9.42 13.61 36.44
CA GLN C 152 -8.00 13.47 36.76
C GLN C 152 -7.04 13.73 35.60
N GLU C 153 -7.55 13.68 34.38
CA GLU C 153 -6.72 13.94 33.19
C GLU C 153 -7.29 15.23 32.57
N PRO C 154 -6.44 16.27 32.43
CA PRO C 154 -6.88 17.56 31.87
C PRO C 154 -7.40 17.50 30.45
N TYR C 155 -7.03 16.46 29.73
CA TYR C 155 -7.49 16.26 28.37
C TYR C 155 -9.03 16.36 28.32
N PHE C 156 -9.68 15.81 29.35
CA PHE C 156 -11.14 15.78 29.41
C PHE C 156 -11.83 17.09 29.79
N THR C 157 -11.12 17.97 30.50
CA THR C 157 -11.66 19.25 30.93
C THR C 157 -11.26 20.38 29.97
N TRP C 158 -10.19 20.16 29.21
CA TRP C 158 -9.71 21.16 28.26
C TRP C 158 -10.78 21.73 27.31
N PRO C 159 -11.69 20.87 26.80
CA PRO C 159 -12.72 21.39 25.89
C PRO C 159 -13.52 22.54 26.51
N LEU C 160 -13.74 22.47 27.82
CA LEU C 160 -14.50 23.48 28.55
C LEU C 160 -13.65 24.72 28.82
N ILE C 161 -12.38 24.48 29.16
CA ILE C 161 -11.44 25.57 29.45
C ILE C 161 -11.20 26.42 28.20
N ALA C 162 -11.11 25.75 27.05
CA ALA C 162 -10.85 26.45 25.79
C ALA C 162 -12.10 27.02 25.14
N ALA C 163 -13.27 26.56 25.55
CA ALA C 163 -14.53 27.02 24.96
C ALA C 163 -14.68 28.54 24.85
N ASP C 164 -14.50 29.24 25.97
CA ASP C 164 -14.66 30.70 26.00
C ASP C 164 -13.38 31.51 25.80
N GLY C 165 -12.32 30.89 25.30
CA GLY C 165 -11.11 31.64 25.06
C GLY C 165 -9.77 31.10 25.56
N GLY C 166 -9.80 30.11 26.44
CA GLY C 166 -8.55 29.56 26.94
C GLY C 166 -7.73 28.87 25.87
N TYR C 167 -6.41 28.95 25.98
CA TYR C 167 -5.55 28.29 25.01
C TYR C 167 -4.21 27.92 25.63
N ALA C 168 -3.48 27.02 24.98
CA ALA C 168 -2.20 26.59 25.49
C ALA C 168 -1.10 27.59 25.12
N PHE C 169 -0.60 27.48 23.89
CA PHE C 169 0.44 28.40 23.41
C PHE C 169 -0.07 29.14 22.19
N LYS C 170 0.10 30.46 22.16
CA LYS C 170 -0.34 31.26 21.03
C LYS C 170 0.55 30.92 19.84
N TYR C 171 -0.04 30.87 18.65
CA TYR C 171 0.74 30.56 17.45
C TYR C 171 0.86 31.83 16.61
N GLU C 172 2.10 32.24 16.35
CA GLU C 172 2.35 33.44 15.56
C GLU C 172 3.74 33.41 14.95
N ASN C 173 3.87 34.05 13.78
CA ASN C 173 5.15 34.11 13.08
C ASN C 173 5.61 32.70 12.66
N GLY C 174 4.66 31.82 12.39
CA GLY C 174 5.01 30.47 11.98
C GLY C 174 5.53 29.56 13.08
N LYS C 175 5.16 29.83 14.33
CA LYS C 175 5.60 28.99 15.43
C LYS C 175 4.84 29.29 16.72
N TYR C 176 4.79 28.31 17.60
CA TYR C 176 4.13 28.48 18.88
C TYR C 176 5.05 29.31 19.78
N ASP C 177 4.48 30.34 20.40
CA ASP C 177 5.24 31.21 21.29
C ASP C 177 5.08 30.73 22.72
N ILE C 178 6.15 30.12 23.25
CA ILE C 178 6.13 29.59 24.60
C ILE C 178 6.09 30.65 25.69
N LYS C 179 6.19 31.92 25.32
CA LYS C 179 6.14 32.97 26.32
C LYS C 179 4.74 33.54 26.37
N ASP C 180 3.85 32.98 25.57
CA ASP C 180 2.47 33.44 25.54
C ASP C 180 1.53 32.27 25.80
N VAL C 181 1.28 31.99 27.08
CA VAL C 181 0.40 30.90 27.48
C VAL C 181 -0.95 31.49 27.83
N GLY C 182 -2.03 30.84 27.37
CA GLY C 182 -3.35 31.37 27.65
C GLY C 182 -4.21 30.57 28.59
N VAL C 183 -3.59 29.84 29.51
CA VAL C 183 -4.34 29.01 30.46
C VAL C 183 -4.94 29.80 31.61
N ASP C 184 -4.62 31.09 31.68
CA ASP C 184 -5.13 31.94 32.76
C ASP C 184 -5.80 33.21 32.24
N ASN C 185 -6.36 33.17 31.04
CA ASN C 185 -7.04 34.37 30.55
C ASN C 185 -8.50 34.31 31.01
N ALA C 186 -9.29 35.31 30.65
CA ALA C 186 -10.68 35.36 31.05
C ALA C 186 -11.46 34.10 30.70
N GLY C 187 -11.27 33.62 29.47
CA GLY C 187 -11.97 32.42 29.03
C GLY C 187 -11.62 31.19 29.83
N ALA C 188 -10.34 30.99 30.11
CA ALA C 188 -9.92 29.82 30.87
C ALA C 188 -10.47 29.88 32.30
N LYS C 189 -10.42 31.06 32.91
CA LYS C 189 -10.95 31.23 34.27
C LYS C 189 -12.44 30.91 34.32
N ALA C 190 -13.18 31.39 33.33
CA ALA C 190 -14.62 31.17 33.29
C ALA C 190 -14.95 29.69 33.16
N GLY C 191 -14.21 29.01 32.31
CA GLY C 191 -14.45 27.58 32.10
C GLY C 191 -14.17 26.75 33.34
N LEU C 192 -13.00 26.92 33.95
CA LEU C 192 -12.68 26.13 35.15
C LEU C 192 -13.59 26.52 36.30
N THR C 193 -13.95 27.80 36.37
CA THR C 193 -14.83 28.25 37.44
C THR C 193 -16.18 27.54 37.33
N PHE C 194 -16.66 27.35 36.11
CA PHE C 194 -17.95 26.69 35.92
C PHE C 194 -17.86 25.24 36.41
N LEU C 195 -16.73 24.59 36.14
CA LEU C 195 -16.51 23.22 36.58
C LEU C 195 -16.41 23.14 38.10
N VAL C 196 -15.68 24.09 38.70
CA VAL C 196 -15.53 24.11 40.14
C VAL C 196 -16.91 24.29 40.80
N ASP C 197 -17.73 25.18 40.23
CA ASP C 197 -19.07 25.42 40.77
C ASP C 197 -19.96 24.19 40.63
N LEU C 198 -19.85 23.48 39.51
CA LEU C 198 -20.65 22.28 39.31
C LEU C 198 -20.37 21.30 40.45
N ILE C 199 -19.10 21.20 40.84
CA ILE C 199 -18.68 20.30 41.91
C ILE C 199 -19.16 20.80 43.26
N LYS C 200 -18.97 22.09 43.53
CA LYS C 200 -19.40 22.68 44.79
C LYS C 200 -20.89 22.46 45.02
N ASN C 201 -21.67 22.53 43.94
CA ASN C 201 -23.11 22.34 44.06
C ASN C 201 -23.52 20.88 43.98
N LYS C 202 -22.56 19.98 44.18
CA LYS C 202 -22.79 18.54 44.16
C LYS C 202 -23.34 17.97 42.86
N HIS C 203 -22.90 18.50 41.72
CA HIS C 203 -23.37 17.97 40.44
C HIS C 203 -22.30 17.07 39.82
N MET C 204 -21.23 16.86 40.56
CA MET C 204 -20.12 16.00 40.15
C MET C 204 -19.12 15.92 41.29
N ASN C 205 -18.41 14.80 41.37
CA ASN C 205 -17.42 14.60 42.42
C ASN C 205 -16.02 14.90 41.87
N ALA C 206 -15.22 15.60 42.66
CA ALA C 206 -13.86 15.95 42.25
C ALA C 206 -12.94 14.76 42.13
N ASP C 207 -13.34 13.61 42.68
CA ASP C 207 -12.49 12.43 42.60
C ASP C 207 -12.83 11.50 41.44
N THR C 208 -13.84 11.86 40.66
CA THR C 208 -14.24 11.03 39.53
C THR C 208 -13.07 10.81 38.57
N ASP C 209 -12.80 9.55 38.24
CA ASP C 209 -11.72 9.25 37.29
C ASP C 209 -12.25 8.43 36.13
N TYR C 210 -11.35 7.96 35.28
CA TYR C 210 -11.78 7.19 34.10
C TYR C 210 -12.62 5.98 34.46
N SER C 211 -12.14 5.15 35.40
CA SER C 211 -12.85 3.95 35.82
C SER C 211 -14.24 4.24 36.39
N ILE C 212 -14.29 5.21 37.29
CA ILE C 212 -15.56 5.58 37.92
C ILE C 212 -16.57 6.03 36.89
N ALA C 213 -16.16 6.94 36.01
CA ALA C 213 -17.06 7.45 34.98
C ALA C 213 -17.54 6.37 34.01
N GLU C 214 -16.60 5.55 33.53
CA GLU C 214 -16.95 4.47 32.60
C GLU C 214 -17.95 3.50 33.22
N ALA C 215 -17.73 3.09 34.46
CA ALA C 215 -18.64 2.15 35.12
C ALA C 215 -20.02 2.78 35.31
N ALA C 216 -20.05 4.05 35.72
CA ALA C 216 -21.31 4.76 35.94
C ALA C 216 -22.15 4.83 34.67
N PHE C 217 -21.52 5.18 33.55
CA PHE C 217 -22.27 5.28 32.31
C PHE C 217 -22.67 3.92 31.75
N ASN C 218 -21.75 2.96 31.76
CA ASN C 218 -22.05 1.64 31.22
C ASN C 218 -23.05 0.86 32.07
N LYS C 219 -23.23 1.27 33.33
CA LYS C 219 -24.19 0.62 34.21
C LYS C 219 -25.51 1.39 34.21
N GLY C 220 -25.59 2.44 33.40
CA GLY C 220 -26.80 3.23 33.32
C GLY C 220 -27.12 4.09 34.52
N GLU C 221 -26.08 4.53 35.23
CA GLU C 221 -26.27 5.36 36.43
C GLU C 221 -26.17 6.86 36.12
N THR C 222 -25.40 7.22 35.11
CA THR C 222 -25.25 8.62 34.75
C THR C 222 -25.74 8.82 33.30
N ALA C 223 -26.41 9.93 33.04
CA ALA C 223 -26.96 10.19 31.72
C ALA C 223 -25.96 10.55 30.63
N MET C 224 -24.81 11.10 31.01
CA MET C 224 -23.81 11.50 30.03
C MET C 224 -22.38 11.29 30.51
N THR C 225 -21.45 11.26 29.55
CA THR C 225 -20.04 11.13 29.84
C THR C 225 -19.29 11.78 28.68
N ILE C 226 -17.99 12.00 28.85
CA ILE C 226 -17.18 12.59 27.81
C ILE C 226 -16.04 11.61 27.58
N ASN C 227 -15.93 11.09 26.36
CA ASN C 227 -14.88 10.14 26.05
C ASN C 227 -14.60 10.03 24.57
N GLY C 228 -13.56 9.27 24.24
CA GLY C 228 -13.15 9.07 22.86
C GLY C 228 -13.72 7.81 22.24
N PRO C 229 -13.51 7.61 20.93
CA PRO C 229 -13.99 6.44 20.18
C PRO C 229 -13.63 5.09 20.78
N TRP C 230 -12.44 5.00 21.37
CA TRP C 230 -11.99 3.76 21.98
C TRP C 230 -12.98 3.25 23.03
N ALA C 231 -13.71 4.17 23.65
CA ALA C 231 -14.67 3.77 24.68
C ALA C 231 -15.97 3.15 24.18
N TRP C 232 -16.28 3.32 22.90
CA TRP C 232 -17.54 2.79 22.35
C TRP C 232 -17.71 1.29 22.43
N SER C 233 -16.60 0.55 22.36
CA SER C 233 -16.65 -0.91 22.42
C SER C 233 -17.26 -1.40 23.72
N ASN C 234 -16.78 -0.88 24.85
CA ASN C 234 -17.29 -1.27 26.16
C ASN C 234 -18.77 -0.90 26.32
N ILE C 235 -19.18 0.22 25.73
CA ILE C 235 -20.58 0.64 25.82
C ILE C 235 -21.46 -0.30 25.00
N ASP C 236 -21.00 -0.73 23.83
CA ASP C 236 -21.79 -1.65 23.01
C ASP C 236 -22.09 -2.92 23.81
N THR C 237 -21.09 -3.40 24.55
CA THR C 237 -21.23 -4.60 25.37
C THR C 237 -22.25 -4.39 26.49
N SER C 238 -22.34 -3.17 27.00
CA SER C 238 -23.27 -2.87 28.08
C SER C 238 -24.72 -2.82 27.58
N LYS C 239 -24.91 -2.82 26.27
CA LYS C 239 -26.23 -2.78 25.66
C LYS C 239 -26.97 -1.47 25.92
N VAL C 240 -26.27 -0.50 26.48
CA VAL C 240 -26.87 0.80 26.74
C VAL C 240 -27.21 1.46 25.41
N ASN C 241 -28.39 2.06 25.32
CA ASN C 241 -28.82 2.74 24.10
C ASN C 241 -28.23 4.14 24.13
N TYR C 242 -27.03 4.28 23.58
CA TYR C 242 -26.31 5.55 23.59
C TYR C 242 -26.18 6.27 22.24
N GLY C 243 -25.93 7.57 22.34
CA GLY C 243 -25.73 8.39 21.16
C GLY C 243 -24.39 9.10 21.34
N VAL C 244 -23.79 9.56 20.25
CA VAL C 244 -22.52 10.30 20.31
C VAL C 244 -22.82 11.60 19.59
N THR C 245 -22.64 12.74 20.25
CA THR C 245 -22.96 14.00 19.62
C THR C 245 -21.97 15.12 19.94
N VAL C 246 -22.26 16.32 19.46
CA VAL C 246 -21.39 17.46 19.70
C VAL C 246 -21.37 17.82 21.18
N LEU C 247 -20.20 18.25 21.65
CA LEU C 247 -20.06 18.65 23.05
C LEU C 247 -20.92 19.88 23.30
N PRO C 248 -21.37 20.06 24.56
CA PRO C 248 -22.19 21.24 24.83
C PRO C 248 -21.41 22.54 24.66
N THR C 249 -22.11 23.64 24.44
CA THR C 249 -21.45 24.93 24.29
C THR C 249 -21.32 25.57 25.67
N PHE C 250 -20.46 26.56 25.79
CA PHE C 250 -20.24 27.28 27.05
C PHE C 250 -20.23 28.77 26.70
N LYS C 251 -21.11 29.53 27.32
CA LYS C 251 -21.23 30.96 27.04
C LYS C 251 -21.52 31.19 25.56
N GLY C 252 -22.31 30.30 24.98
CA GLY C 252 -22.68 30.40 23.58
C GLY C 252 -21.61 29.94 22.61
N GLN C 253 -20.45 29.58 23.13
CA GLN C 253 -19.33 29.12 22.30
C GLN C 253 -19.16 27.61 22.35
N PRO C 254 -18.80 26.99 21.22
CA PRO C 254 -18.63 25.54 21.24
C PRO C 254 -17.41 25.10 22.06
N SER C 255 -17.48 23.90 22.62
CA SER C 255 -16.37 23.38 23.39
C SER C 255 -15.28 23.08 22.35
N LYS C 256 -14.03 23.29 22.73
CA LYS C 256 -12.90 23.09 21.83
C LYS C 256 -11.89 22.04 22.28
N PRO C 257 -12.18 20.76 22.03
CA PRO C 257 -11.28 19.70 22.45
C PRO C 257 -9.93 19.73 21.73
N PHE C 258 -8.88 19.29 22.41
CA PHE C 258 -7.54 19.23 21.81
C PHE C 258 -7.55 17.96 21.00
N VAL C 259 -7.28 18.08 19.71
CA VAL C 259 -7.28 16.94 18.80
C VAL C 259 -5.94 16.23 18.76
N GLY C 260 -5.97 14.93 18.98
CA GLY C 260 -4.75 14.15 18.96
C GLY C 260 -4.70 13.20 17.80
N VAL C 261 -3.51 13.08 17.21
CA VAL C 261 -3.34 12.17 16.10
C VAL C 261 -2.57 10.99 16.65
N LEU C 262 -3.26 9.87 16.81
CA LEU C 262 -2.61 8.67 17.30
C LEU C 262 -1.55 8.37 16.26
N SER C 263 -0.30 8.26 16.71
CA SER C 263 0.82 8.03 15.82
C SER C 263 1.73 6.92 16.30
N ALA C 264 2.53 6.38 15.38
CA ALA C 264 3.47 5.31 15.71
C ALA C 264 4.91 5.74 15.43
N GLY C 265 5.69 5.86 16.49
CA GLY C 265 7.08 6.26 16.35
C GLY C 265 8.01 5.08 16.51
N ILE C 266 9.18 5.17 15.89
CA ILE C 266 10.18 4.11 15.94
C ILE C 266 11.33 4.56 16.84
N ASN C 267 11.72 3.69 17.78
CA ASN C 267 12.81 3.99 18.71
C ASN C 267 14.11 4.22 17.96
N ALA C 268 14.77 5.34 18.20
CA ALA C 268 16.03 5.65 17.53
C ALA C 268 17.09 4.58 17.82
N ALA C 269 16.96 3.91 18.96
CA ALA C 269 17.91 2.88 19.36
C ALA C 269 17.52 1.50 18.86
N SER C 270 16.47 1.43 18.04
CA SER C 270 16.04 0.13 17.53
C SER C 270 16.92 -0.40 16.42
N PRO C 271 17.29 -1.68 16.49
CA PRO C 271 18.15 -2.30 15.46
C PRO C 271 17.25 -2.85 14.34
N ASN C 272 15.94 -2.69 14.50
CA ASN C 272 14.97 -3.20 13.54
C ASN C 272 14.14 -2.11 12.87
N LYS C 273 14.77 -0.99 12.57
CA LYS C 273 14.07 0.13 11.94
C LYS C 273 13.37 -0.20 10.64
N GLU C 274 14.07 -0.90 9.74
CA GLU C 274 13.46 -1.23 8.46
C GLU C 274 12.25 -2.15 8.65
N LEU C 275 12.38 -3.12 9.56
CA LEU C 275 11.27 -4.04 9.82
C LEU C 275 10.09 -3.25 10.39
N ALA C 276 10.38 -2.30 11.27
CA ALA C 276 9.32 -1.50 11.89
C ALA C 276 8.59 -0.66 10.84
N LYS C 277 9.34 -0.10 9.90
CA LYS C 277 8.72 0.71 8.85
C LYS C 277 7.86 -0.16 7.94
N GLU C 278 8.30 -1.39 7.69
CA GLU C 278 7.52 -2.28 6.84
C GLU C 278 6.23 -2.66 7.54
N PHE C 279 6.31 -2.92 8.84
CA PHE C 279 5.13 -3.30 9.59
C PHE C 279 4.10 -2.15 9.57
N LEU C 280 4.55 -0.94 9.87
CA LEU C 280 3.64 0.19 9.89
C LEU C 280 3.13 0.57 8.50
N GLU C 281 4.04 0.71 7.54
CA GLU C 281 3.66 1.09 6.17
C GLU C 281 2.88 0.07 5.37
N ASN C 282 3.34 -1.17 5.42
CA ASN C 282 2.75 -2.26 4.64
C ASN C 282 1.65 -3.10 5.31
N TYR C 283 1.63 -3.16 6.63
CA TYR C 283 0.63 -3.96 7.30
C TYR C 283 -0.42 -3.20 8.09
N LEU C 284 0.02 -2.29 8.95
CA LEU C 284 -0.94 -1.54 9.74
C LEU C 284 -1.72 -0.51 8.91
N LEU C 285 -1.02 0.31 8.15
CA LEU C 285 -1.67 1.33 7.35
C LEU C 285 -2.30 0.82 6.04
N THR C 286 -3.21 -0.14 6.22
CA THR C 286 -3.96 -0.76 5.13
C THR C 286 -5.39 -0.90 5.66
N ASP C 287 -6.34 -1.09 4.76
CA ASP C 287 -7.73 -1.25 5.16
C ASP C 287 -7.87 -2.41 6.13
N GLU C 288 -7.25 -3.55 5.80
CA GLU C 288 -7.32 -4.74 6.65
C GLU C 288 -6.62 -4.55 7.99
N GLY C 289 -5.51 -3.83 8.00
CA GLY C 289 -4.78 -3.61 9.24
C GLY C 289 -5.55 -2.74 10.20
N LEU C 290 -6.02 -1.59 9.72
CA LEU C 290 -6.77 -0.69 10.59
C LEU C 290 -8.09 -1.32 10.99
N GLU C 291 -8.68 -2.11 10.09
CA GLU C 291 -9.93 -2.78 10.40
C GLU C 291 -9.76 -3.75 11.56
N ALA C 292 -8.63 -4.44 11.61
CA ALA C 292 -8.38 -5.40 12.70
C ALA C 292 -8.29 -4.65 14.02
N VAL C 293 -7.60 -3.52 14.03
CA VAL C 293 -7.46 -2.75 15.25
C VAL C 293 -8.81 -2.15 15.64
N ASN C 294 -9.47 -1.53 14.66
CA ASN C 294 -10.75 -0.90 14.86
C ASN C 294 -11.80 -1.86 15.43
N LYS C 295 -11.77 -3.11 14.96
CA LYS C 295 -12.72 -4.13 15.41
C LYS C 295 -12.60 -4.42 16.90
N ASP C 296 -11.40 -4.28 17.43
CA ASP C 296 -11.13 -4.51 18.84
C ASP C 296 -11.63 -3.30 19.63
N LYS C 297 -11.10 -2.12 19.31
CA LYS C 297 -11.50 -0.87 19.95
C LYS C 297 -11.51 0.16 18.83
N PRO C 298 -12.62 0.90 18.66
CA PRO C 298 -12.70 1.90 17.60
C PRO C 298 -11.59 2.94 17.66
N LEU C 299 -11.00 3.20 16.50
CA LEU C 299 -9.93 4.19 16.37
C LEU C 299 -10.50 5.59 16.17
N GLY C 300 -11.77 5.66 15.78
CA GLY C 300 -12.39 6.95 15.51
C GLY C 300 -12.13 7.29 14.06
N ALA C 301 -11.80 8.53 13.74
CA ALA C 301 -11.50 8.86 12.36
C ALA C 301 -10.08 8.37 12.12
N VAL C 302 -9.77 7.89 10.92
CA VAL C 302 -8.42 7.40 10.64
C VAL C 302 -7.67 8.27 9.63
N ALA C 303 -6.34 8.22 9.68
CA ALA C 303 -5.51 9.02 8.78
C ALA C 303 -5.51 8.47 7.36
N LEU C 304 -5.77 7.17 7.21
CA LEU C 304 -5.79 6.51 5.90
C LEU C 304 -7.08 6.81 5.12
N LYS C 305 -6.95 7.57 4.04
CA LYS C 305 -8.11 7.96 3.21
C LYS C 305 -9.05 6.82 2.84
N SER C 306 -8.49 5.73 2.31
CA SER C 306 -9.30 4.61 1.86
C SER C 306 -10.20 4.02 2.95
N TYR C 307 -9.69 3.93 4.17
CA TYR C 307 -10.50 3.37 5.26
C TYR C 307 -11.46 4.39 5.85
N GLU C 308 -11.03 5.65 5.93
CA GLU C 308 -11.88 6.71 6.46
C GLU C 308 -13.15 6.81 5.63
N GLU C 309 -13.01 6.54 4.33
CA GLU C 309 -14.13 6.58 3.40
C GLU C 309 -15.23 5.62 3.85
N GLU C 310 -14.81 4.49 4.41
CA GLU C 310 -15.75 3.46 4.89
C GLU C 310 -16.29 3.76 6.29
N LEU C 311 -15.56 4.56 7.05
CA LEU C 311 -15.96 4.90 8.42
C LEU C 311 -16.80 6.18 8.48
N ALA C 312 -16.59 7.08 7.52
CA ALA C 312 -17.30 8.36 7.47
C ALA C 312 -18.83 8.22 7.47
N LYS C 313 -19.32 7.03 7.16
CA LYS C 313 -20.75 6.76 7.13
C LYS C 313 -21.32 6.59 8.54
N ASP C 314 -20.46 6.26 9.50
CA ASP C 314 -20.87 6.05 10.89
C ASP C 314 -21.22 7.39 11.56
N PRO C 315 -22.47 7.54 12.04
CA PRO C 315 -22.88 8.79 12.70
C PRO C 315 -21.99 9.16 13.88
N ARG C 316 -21.44 8.14 14.55
CA ARG C 316 -20.55 8.37 15.70
C ARG C 316 -19.24 9.01 15.23
N ILE C 317 -18.78 8.62 14.05
CA ILE C 317 -17.55 9.16 13.46
C ILE C 317 -17.83 10.59 13.00
N ALA C 318 -19.04 10.82 12.47
CA ALA C 318 -19.40 12.16 12.02
C ALA C 318 -19.35 13.09 13.23
N ALA C 319 -19.86 12.62 14.38
CA ALA C 319 -19.84 13.43 15.59
C ALA C 319 -18.39 13.69 16.03
N THR C 320 -17.54 12.69 15.87
CA THR C 320 -16.13 12.81 16.23
C THR C 320 -15.49 13.91 15.38
N MET C 321 -15.76 13.87 14.09
CA MET C 321 -15.21 14.85 13.16
C MET C 321 -15.73 16.26 13.47
N GLU C 322 -17.00 16.37 13.85
CA GLU C 322 -17.58 17.68 14.17
C GLU C 322 -16.90 18.28 15.40
N ASN C 323 -16.66 17.49 16.43
CA ASN C 323 -16.00 18.03 17.61
C ASN C 323 -14.55 18.38 17.30
N ALA C 324 -13.90 17.58 16.45
CA ALA C 324 -12.51 17.83 16.09
C ALA C 324 -12.39 19.14 15.31
N GLN C 325 -13.37 19.41 14.45
CA GLN C 325 -13.36 20.63 13.66
C GLN C 325 -13.59 21.87 14.52
N LYS C 326 -14.30 21.70 15.62
CA LYS C 326 -14.55 22.81 16.53
C LYS C 326 -13.38 22.98 17.51
N GLY C 327 -12.52 21.97 17.55
CA GLY C 327 -11.37 22.02 18.43
C GLY C 327 -10.10 22.46 17.70
N GLU C 328 -8.95 22.04 18.20
CA GLU C 328 -7.70 22.41 17.57
C GLU C 328 -6.69 21.29 17.72
N ILE C 329 -5.85 21.10 16.70
CA ILE C 329 -4.85 20.05 16.76
C ILE C 329 -3.83 20.44 17.81
N MET C 330 -3.37 19.47 18.59
CA MET C 330 -2.40 19.78 19.63
C MET C 330 -1.04 20.12 19.09
N PRO C 331 -0.33 21.02 19.77
CA PRO C 331 1.01 21.33 19.25
C PRO C 331 1.85 20.10 19.63
N ASN C 332 3.03 19.95 19.05
CA ASN C 332 3.87 18.81 19.39
C ASN C 332 5.19 19.29 19.98
N ILE C 333 5.26 20.58 20.31
CA ILE C 333 6.48 21.17 20.88
C ILE C 333 6.88 20.49 22.19
N PRO C 334 8.18 20.52 22.52
CA PRO C 334 8.70 19.90 23.75
C PRO C 334 8.01 20.31 25.04
N GLN C 335 7.53 21.54 25.09
CA GLN C 335 6.86 22.09 26.26
C GLN C 335 5.49 21.48 26.55
N MET C 336 4.98 20.64 25.65
CA MET C 336 3.67 20.05 25.90
C MET C 336 3.64 19.22 27.18
N SER C 337 4.72 18.50 27.48
CA SER C 337 4.74 17.70 28.70
C SER C 337 4.53 18.58 29.94
N ALA C 338 5.23 19.70 29.98
CA ALA C 338 5.11 20.64 31.11
C ALA C 338 3.72 21.23 31.17
N PHE C 339 3.19 21.58 29.99
CA PHE C 339 1.86 22.15 29.88
C PHE C 339 0.82 21.20 30.47
N TRP C 340 0.84 19.95 30.04
CA TRP C 340 -0.11 18.98 30.54
C TRP C 340 0.02 18.75 32.04
N TYR C 341 1.25 18.62 32.53
CA TYR C 341 1.45 18.42 33.96
C TYR C 341 0.91 19.60 34.75
N ALA C 342 1.19 20.81 34.27
CA ALA C 342 0.74 22.05 34.90
C ALA C 342 -0.77 22.18 34.96
N VAL C 343 -1.44 21.90 33.85
CA VAL C 343 -2.88 22.00 33.84
C VAL C 343 -3.53 20.87 34.62
N ARG C 344 -2.89 19.70 34.63
CA ARG C 344 -3.45 18.58 35.37
C ARG C 344 -3.53 18.98 36.85
N THR C 345 -2.44 19.53 37.35
CA THR C 345 -2.38 19.98 38.75
C THR C 345 -3.42 21.07 39.04
N ALA C 346 -3.50 22.05 38.15
CA ALA C 346 -4.43 23.15 38.33
C ALA C 346 -5.88 22.68 38.40
N VAL C 347 -6.28 21.83 37.47
CA VAL C 347 -7.66 21.33 37.45
C VAL C 347 -7.99 20.50 38.70
N ILE C 348 -7.10 19.59 39.06
CA ILE C 348 -7.33 18.76 40.24
C ILE C 348 -7.42 19.58 41.51
N ASN C 349 -6.46 20.48 41.69
CA ASN C 349 -6.44 21.35 42.87
C ASN C 349 -7.64 22.28 42.94
N ALA C 350 -8.00 22.90 41.81
CA ALA C 350 -9.15 23.80 41.81
C ALA C 350 -10.46 23.04 42.03
N ALA C 351 -10.61 21.91 41.35
CA ALA C 351 -11.82 21.10 41.46
C ALA C 351 -12.11 20.63 42.89
N SER C 352 -11.04 20.31 43.61
CA SER C 352 -11.16 19.83 44.99
C SER C 352 -11.15 20.97 46.00
N GLY C 353 -10.96 22.18 45.52
CA GLY C 353 -10.94 23.33 46.41
C GLY C 353 -9.63 23.47 47.17
N ARG C 354 -8.60 22.76 46.74
CA ARG C 354 -7.30 22.85 47.41
C ARG C 354 -6.53 24.09 46.94
N GLN C 355 -7.02 24.71 45.88
CA GLN C 355 -6.41 25.95 45.34
C GLN C 355 -7.52 26.76 44.71
N THR C 356 -7.39 28.09 44.73
CA THR C 356 -8.40 28.92 44.09
C THR C 356 -8.17 28.74 42.60
N VAL C 357 -9.19 29.00 41.80
CA VAL C 357 -9.06 28.88 40.34
C VAL C 357 -8.00 29.87 39.85
N ASP C 358 -8.05 31.09 40.37
CA ASP C 358 -7.10 32.11 39.95
C ASP C 358 -5.63 31.77 40.24
N GLU C 359 -5.35 31.23 41.42
CA GLU C 359 -3.98 30.88 41.76
C GLU C 359 -3.57 29.61 41.04
N ALA C 360 -4.51 28.68 40.89
CA ALA C 360 -4.21 27.43 40.19
C ALA C 360 -3.83 27.69 38.74
N LEU C 361 -4.60 28.54 38.06
CA LEU C 361 -4.31 28.82 36.66
C LEU C 361 -3.09 29.72 36.50
N LYS C 362 -2.90 30.63 37.44
CA LYS C 362 -1.73 31.52 37.40
C LYS C 362 -0.47 30.67 37.50
N ASP C 363 -0.47 29.68 38.39
CA ASP C 363 0.69 28.81 38.53
C ASP C 363 0.90 27.98 37.27
N ALA C 364 -0.18 27.47 36.69
CA ALA C 364 -0.07 26.67 35.47
C ALA C 364 0.47 27.50 34.34
N GLN C 365 0.07 28.76 34.29
CA GLN C 365 0.56 29.65 33.24
C GLN C 365 2.08 29.74 33.34
N THR C 366 2.57 29.90 34.57
CA THR C 366 4.01 30.00 34.82
C THR C 366 4.76 28.69 34.60
N ASN D 1 4.17 27.59 35.05
CA ASN D 1 4.78 26.27 34.93
C ASN D 1 4.72 25.70 33.50
N SER D 2 3.75 26.15 32.71
CA SER D 2 3.57 25.66 31.35
C SER D 2 4.73 25.84 30.37
N SER D 3 5.56 26.84 30.61
CA SER D 3 6.69 27.12 29.71
C SER D 3 8.00 26.42 30.08
N SER D 4 7.95 25.53 31.07
CA SER D 4 9.15 24.84 31.52
C SER D 4 9.53 23.53 30.81
N ASN D 5 10.49 22.83 31.39
CA ASN D 5 10.98 21.56 30.88
C ASN D 5 10.59 20.38 31.77
C1 GLC E . 3.53 -10.39 -25.36
C2 GLC E . 4.61 -10.39 -24.27
C3 GLC E . 5.90 -9.64 -24.67
C4 GLC E . 6.37 -10.33 -25.93
C5 GLC E . 5.28 -10.28 -27.01
C6 GLC E . 5.75 -11.02 -28.31
O2 GLC E . 4.20 -9.72 -23.11
O3 GLC E . 6.88 -9.69 -23.62
O4 GLC E . 7.45 -9.54 -26.47
O5 GLC E . 4.05 -10.97 -26.59
O6 GLC E . 4.62 -10.85 -29.18
C1 GLC E . 8.77 -10.02 -26.34
C2 GLC E . 9.70 -8.83 -25.96
C3 GLC E . 9.67 -7.79 -27.09
C4 GLC E . 10.23 -8.51 -28.34
C5 GLC E . 9.37 -9.73 -28.69
C6 GLC E . 9.99 -10.64 -29.76
O2 GLC E . 9.18 -8.32 -24.73
O3 GLC E . 10.48 -6.67 -26.72
O4 GLC E . 10.21 -7.60 -29.46
O5 GLC E . 9.17 -10.61 -27.55
O6 GLC E . 9.02 -11.55 -30.24
C1 GLC F . -6.28 8.85 25.52
C2 GLC F . -5.85 9.73 24.34
C3 GLC F . -4.60 10.61 24.64
C4 GLC F . -4.99 11.41 25.86
C5 GLC F . -5.35 10.49 27.01
C6 GLC F . -5.77 11.29 28.30
O2 GLC F . -5.45 8.98 23.23
O3 GLC F . -4.27 11.43 23.50
O4 GLC F . -3.81 12.10 26.31
O5 GLC F . -6.53 9.64 26.71
O6 GLC F . -6.04 10.22 29.22
C1 GLC F . -3.69 13.50 26.07
C2 GLC F . -2.24 13.79 25.59
C3 GLC F . -1.26 13.40 26.69
C4 GLC F . -1.61 14.28 27.92
C5 GLC F . -3.06 14.04 28.36
C6 GLC F . -3.57 15.00 29.45
O2 GLC F . -2.04 13.03 24.41
O3 GLC F . 0.07 13.63 26.24
O4 GLC F . -0.70 13.92 28.99
O5 GLC F . -3.99 14.20 27.25
O6 GLC F . -4.77 14.51 30.04
#